data_4P5K
#
_entry.id   4P5K
#
_cell.length_a   182.779
_cell.length_b   68.738
_cell.length_c   71.133
_cell.angle_alpha   90.000
_cell.angle_beta   105.720
_cell.angle_gamma   90.000
#
_symmetry.space_group_name_H-M   'C 1 2 1'
#
loop_
_entity.id
_entity.type
_entity.pdbx_description
1 polymer 'HLA class II histocompatibility antigen, DP alpha 1 chain'
2 polymer 'RAS peptide,HLA class II histocompatibility antigen, DP beta 1 chain'
#
loop_
_entity_poly.entity_id
_entity_poly.type
_entity_poly.pdbx_seq_one_letter_code
_entity_poly.pdbx_strand_id
1 'polypeptide(L)'
;IKADHVSTYAAFVQTHRPTGEFMFEFDEDEMFYVDLDKKETVWHLEEFGQAFSFEAQGGLANIAILNNNLNTLIQRSNHT
QATNDPPEVTVFPKEPVELGQPNTLICHIDKFFPPVLNVTWLCNGELVTEGVAESLFLPRTDYSFHKFHYLTFVPSAEDF
YDCRVEHWGLDQPLLKHWEAQEP
;
A,D
2 'polypeptide(L)'
;NKFDTQLFHTITGGSLVPRGSGGGGSPENYLFQGRQECYAFNGTQRFLERYIYNREEFVRFDSDVGEFRAVTELGRPDEE
YWNSQKDILEEERAVPDRMCRHNYELGGPMTLQRRVQPRVNVSPSKKGPLQHHNLLVCHVTDFYPGSIQVRWFLNGQEET
AGVVSTNLIRNGDWTFQILVMLEMTPQQGDVYTCQVEHTSLDSPVTVEWKAQ
;
B,E
#
# COMPACT_ATOMS: atom_id res chain seq x y z
N ILE A 1 29.03 18.84 -8.96
CA ILE A 1 30.37 18.22 -8.84
C ILE A 1 30.72 17.40 -10.11
N LYS A 2 29.70 17.07 -10.92
CA LYS A 2 29.84 16.09 -12.05
C LYS A 2 29.99 14.66 -11.51
N ALA A 3 28.87 14.05 -11.13
CA ALA A 3 28.83 12.66 -10.72
C ALA A 3 27.66 11.97 -11.41
N ASP A 4 27.58 10.65 -11.35
CA ASP A 4 26.41 10.04 -11.94
C ASP A 4 25.33 9.93 -10.91
N HIS A 5 25.76 9.90 -9.65
CA HIS A 5 24.91 9.59 -8.51
C HIS A 5 25.52 10.07 -7.21
N VAL A 6 24.66 10.47 -6.28
CA VAL A 6 25.08 11.04 -5.00
C VAL A 6 24.35 10.36 -3.82
N SER A 7 25.12 9.78 -2.89
CA SER A 7 24.60 9.08 -1.72
C SER A 7 25.17 9.71 -0.47
N THR A 8 24.30 10.28 0.34
CA THR A 8 24.73 11.16 1.40
C THR A 8 23.95 10.91 2.68
N TYR A 9 24.68 10.72 3.77
CA TYR A 9 24.09 10.76 5.08
C TYR A 9 23.97 12.23 5.44
N ALA A 10 22.81 12.66 5.89
CA ALA A 10 22.62 14.05 6.27
C ALA A 10 21.95 14.05 7.61
N ALA A 11 22.53 14.76 8.57
CA ALA A 11 22.00 14.77 9.91
C ALA A 11 22.02 16.20 10.42
N PHE A 12 21.06 16.51 11.29
CA PHE A 12 21.03 17.82 11.93
C PHE A 12 20.49 17.72 13.35
N VAL A 13 20.70 18.81 14.07
CA VAL A 13 20.55 18.85 15.51
C VAL A 13 20.33 20.32 15.85
N GLN A 14 19.35 20.60 16.66
CA GLN A 14 19.03 22.00 16.98
C GLN A 14 18.31 22.04 18.30
N THR A 15 18.30 23.22 18.91
CA THR A 15 17.59 23.39 20.17
C THR A 15 16.07 23.14 20.01
N HIS A 16 15.46 23.58 18.91
CA HIS A 16 13.98 23.59 18.82
C HIS A 16 13.28 22.38 18.22
N ARG A 17 11.98 22.37 18.49
CA ARG A 17 10.97 21.74 17.64
C ARG A 17 11.23 20.30 17.30
N PRO A 18 11.75 19.96 16.07
CA PRO A 18 12.42 18.65 15.81
C PRO A 18 13.93 18.68 16.11
N THR A 19 14.27 18.18 17.28
CA THR A 19 15.58 18.35 17.88
C THR A 19 16.73 17.61 17.22
N GLY A 20 16.41 16.63 16.38
CA GLY A 20 17.42 15.87 15.65
C GLY A 20 16.87 14.99 14.54
N GLU A 21 17.64 14.88 13.45
CA GLU A 21 17.27 14.00 12.32
C GLU A 21 18.51 13.30 11.81
N PHE A 22 18.35 12.03 11.51
CA PHE A 22 19.41 11.25 10.92
C PHE A 22 18.84 10.49 9.73
N MET A 23 19.36 10.78 8.53
CA MET A 23 18.84 10.12 7.35
C MET A 23 19.89 9.85 6.27
N PHE A 24 19.46 9.18 5.20
CA PHE A 24 20.30 8.82 4.08
C PHE A 24 19.49 8.84 2.81
N GLU A 25 20.09 9.35 1.73
CA GLU A 25 19.34 9.55 0.50
C GLU A 25 20.11 9.09 -0.70
N PHE A 26 19.39 8.77 -1.75
CA PHE A 26 20.00 8.42 -3.00
C PHE A 26 19.49 9.32 -4.13
N ASP A 27 20.39 10.12 -4.70
CA ASP A 27 19.98 11.12 -5.67
C ASP A 27 18.80 11.89 -5.11
N GLU A 28 18.95 12.37 -3.87
CA GLU A 28 18.05 13.38 -3.33
C GLU A 28 16.82 12.75 -2.65
N ASP A 29 16.59 11.45 -2.87
CA ASP A 29 15.41 10.78 -2.30
C ASP A 29 15.78 10.06 -0.99
N GLU A 30 15.12 10.43 0.11
CA GLU A 30 15.30 9.73 1.39
C GLU A 30 15.05 8.24 1.21
N MET A 31 16.02 7.40 1.59
CA MET A 31 15.85 5.94 1.48
C MET A 31 15.51 5.33 2.85
N PHE A 32 16.24 5.74 3.88
CA PHE A 32 15.89 5.40 5.26
C PHE A 32 16.20 6.49 6.26
N TYR A 33 15.69 6.33 7.49
CA TYR A 33 16.10 7.16 8.63
C TYR A 33 16.02 6.38 9.96
N VAL A 34 16.66 6.95 10.98
CA VAL A 34 16.61 6.35 12.30
C VAL A 34 15.62 7.11 13.18
N ASP A 35 14.53 6.45 13.56
CA ASP A 35 13.55 7.06 14.44
C ASP A 35 14.17 7.20 15.84
N LEU A 36 14.42 8.44 16.28
CA LEU A 36 15.14 8.67 17.53
C LEU A 36 14.35 8.39 18.80
N ASP A 37 13.02 8.25 18.70
CA ASP A 37 12.25 7.79 19.86
C ASP A 37 12.08 6.29 19.87
N LYS A 38 11.39 5.76 18.86
CA LYS A 38 11.25 4.31 18.72
C LYS A 38 12.58 3.57 18.71
N LYS A 39 13.68 4.29 18.45
CA LYS A 39 15.05 3.71 18.30
C LYS A 39 15.18 2.63 17.22
N GLU A 40 14.44 2.79 16.12
CA GLU A 40 14.47 1.79 15.06
C GLU A 40 14.73 2.44 13.71
N THR A 41 15.22 1.67 12.74
CA THR A 41 15.41 2.21 11.40
C THR A 41 14.08 2.08 10.69
N VAL A 42 13.65 3.16 10.02
CA VAL A 42 12.49 3.14 9.15
C VAL A 42 12.95 3.27 7.70
N TRP A 43 12.54 2.29 6.90
CA TRP A 43 12.76 2.27 5.47
C TRP A 43 11.62 2.95 4.71
N HIS A 44 11.98 3.73 3.70
CA HIS A 44 11.05 4.59 3.01
C HIS A 44 10.03 3.82 2.20
N LEU A 45 10.51 2.76 1.54
CA LEU A 45 9.63 1.85 0.83
C LEU A 45 9.82 0.49 1.46
N GLU A 46 8.75 -0.21 1.74
CA GLU A 46 8.89 -1.43 2.51
C GLU A 46 9.74 -2.48 1.79
N GLU A 47 9.62 -2.56 0.46
CA GLU A 47 10.45 -3.47 -0.35
C GLU A 47 11.96 -3.27 -0.06
N PHE A 48 12.36 -2.05 0.30
CA PHE A 48 13.71 -1.77 0.82
C PHE A 48 13.98 -2.57 2.08
N GLY A 49 12.99 -2.59 2.98
CA GLY A 49 13.16 -3.10 4.34
C GLY A 49 13.44 -4.58 4.35
N GLN A 50 12.91 -5.26 3.33
CA GLN A 50 13.00 -6.69 3.21
C GLN A 50 14.30 -7.16 2.56
N ALA A 51 15.10 -6.21 2.07
CA ALA A 51 16.40 -6.59 1.52
C ALA A 51 17.58 -6.08 2.35
N PHE A 52 17.61 -4.78 2.64
CA PHE A 52 18.74 -4.17 3.36
C PHE A 52 18.40 -3.92 4.81
N SER A 53 19.42 -3.69 5.62
CA SER A 53 19.25 -3.22 6.98
C SER A 53 20.34 -2.18 7.36
N PHE A 54 20.10 -1.45 8.45
CA PHE A 54 21.05 -0.49 9.02
C PHE A 54 21.05 -0.54 10.54
N GLU A 55 22.21 -0.66 11.16
CA GLU A 55 22.30 -0.67 12.61
C GLU A 55 21.99 0.71 13.25
N ALA A 56 20.80 0.78 13.82
CA ALA A 56 20.21 2.01 14.34
C ALA A 56 21.13 2.82 15.23
N GLN A 57 21.95 2.15 16.02
CA GLN A 57 22.80 2.85 16.99
C GLN A 57 23.72 3.78 16.26
N GLY A 58 23.99 3.46 15.00
CA GLY A 58 24.97 4.20 14.23
C GLY A 58 24.43 5.59 14.04
N GLY A 59 23.10 5.69 14.09
CA GLY A 59 22.40 6.95 14.03
C GLY A 59 22.31 7.71 15.34
N LEU A 60 22.06 7.00 16.45
CA LEU A 60 21.94 7.67 17.76
C LEU A 60 23.30 8.24 18.20
N ALA A 61 24.34 7.46 17.98
CA ALA A 61 25.71 7.92 18.17
C ALA A 61 26.06 9.22 17.42
N ASN A 62 25.79 9.27 16.10
CA ASN A 62 26.04 10.48 15.33
C ASN A 62 25.28 11.73 15.81
N ILE A 63 24.14 11.49 16.46
CA ILE A 63 23.33 12.57 17.04
C ILE A 63 24.02 13.16 18.26
N ALA A 64 24.33 12.30 19.23
CA ALA A 64 25.11 12.68 20.38
C ALA A 64 26.34 13.46 19.95
N ILE A 65 26.99 13.01 18.88
CA ILE A 65 28.23 13.61 18.40
C ILE A 65 27.96 15.01 17.89
N LEU A 66 26.83 15.19 17.20
CA LEU A 66 26.45 16.52 16.68
C LEU A 66 26.04 17.53 17.76
N ASN A 67 25.44 17.08 18.87
CA ASN A 67 25.18 17.98 20.00
C ASN A 67 26.45 18.54 20.61
N ASN A 68 27.47 17.69 20.77
CA ASN A 68 28.78 18.19 21.22
C ASN A 68 29.25 19.25 20.24
N ASN A 69 29.20 18.94 18.95
CA ASN A 69 29.57 19.92 17.96
C ASN A 69 28.68 21.17 17.99
N LEU A 70 27.40 21.01 18.36
CA LEU A 70 26.53 22.18 18.51
C LEU A 70 27.02 23.09 19.62
N ASN A 71 27.16 22.51 20.82
CA ASN A 71 27.68 23.23 21.95
C ASN A 71 28.97 23.96 21.61
N THR A 72 29.88 23.24 21.00
CA THR A 72 31.20 23.76 20.65
C THR A 72 31.16 24.92 19.63
N LEU A 73 30.07 25.04 18.92
CA LEU A 73 29.99 26.11 17.95
C LEU A 73 29.02 27.20 18.33
N ILE A 74 28.15 26.92 19.29
CA ILE A 74 27.44 28.00 19.97
C ILE A 74 28.52 28.84 20.67
N GLN A 75 29.38 28.17 21.44
CA GLN A 75 30.48 28.81 22.13
C GLN A 75 31.36 29.59 21.19
N ARG A 76 31.97 28.93 20.23
CA ARG A 76 33.00 29.65 19.51
C ARG A 76 32.47 30.68 18.51
N SER A 77 31.25 30.48 18.04
CA SER A 77 30.60 31.41 17.09
C SER A 77 30.26 32.76 17.72
N ASN A 78 30.32 32.82 19.05
CA ASN A 78 29.82 33.95 19.86
C ASN A 78 28.30 33.95 19.95
N HIS A 79 27.67 32.79 19.73
CA HIS A 79 26.20 32.67 19.81
C HIS A 79 25.46 33.21 18.60
N THR A 80 25.99 32.95 17.40
CA THR A 80 25.38 33.47 16.19
C THR A 80 24.16 32.63 15.84
N GLN A 81 23.02 33.31 15.75
CA GLN A 81 21.83 32.74 15.23
C GLN A 81 21.75 33.19 13.77
N ALA A 82 21.31 32.27 12.91
CA ALA A 82 21.16 32.52 11.48
C ALA A 82 19.91 33.36 11.19
N THR A 83 19.92 34.17 10.13
CA THR A 83 18.72 34.86 9.75
C THR A 83 17.66 33.85 9.27
N ASN A 84 16.39 34.22 9.40
CA ASN A 84 15.26 33.36 9.02
C ASN A 84 14.99 33.39 7.54
N ASP A 85 15.34 32.31 6.85
CA ASP A 85 15.11 32.17 5.42
C ASP A 85 13.71 31.58 5.19
N PRO A 86 12.81 32.36 4.53
CA PRO A 86 11.41 31.99 4.36
C PRO A 86 11.15 30.91 3.30
N PRO A 87 10.13 30.04 3.54
CA PRO A 87 9.72 29.04 2.53
C PRO A 87 9.10 29.62 1.24
N GLU A 88 9.40 28.94 0.13
CA GLU A 88 8.70 29.09 -1.15
C GLU A 88 7.86 27.79 -1.27
N VAL A 89 6.58 27.93 -1.62
CA VAL A 89 5.63 26.79 -1.61
C VAL A 89 4.90 26.55 -2.95
N THR A 90 4.84 25.31 -3.39
CA THR A 90 4.07 24.89 -4.54
C THR A 90 3.15 23.76 -4.11
N VAL A 91 1.98 23.65 -4.72
CA VAL A 91 1.04 22.56 -4.51
C VAL A 91 0.61 21.99 -5.87
N PHE A 92 0.70 20.68 -6.03
CA PHE A 92 0.33 20.05 -7.29
C PHE A 92 -0.13 18.66 -6.93
N PRO A 93 -0.95 18.03 -7.82
CA PRO A 93 -1.43 16.65 -7.65
C PRO A 93 -0.45 15.62 -8.15
N LYS A 94 -0.61 14.37 -7.68
CA LYS A 94 0.28 13.28 -8.06
C LYS A 94 -0.05 12.77 -9.45
N GLU A 95 -1.34 12.72 -9.80
CA GLU A 95 -1.74 12.22 -11.14
C GLU A 95 -2.50 13.30 -11.88
N PRO A 96 -2.60 13.19 -13.22
CA PRO A 96 -3.44 14.11 -13.95
C PRO A 96 -4.81 14.03 -13.33
N VAL A 97 -5.31 15.15 -12.83
CA VAL A 97 -6.58 15.24 -12.14
C VAL A 97 -7.71 14.60 -12.92
N GLU A 98 -8.41 13.69 -12.26
CA GLU A 98 -9.64 13.16 -12.85
C GLU A 98 -10.75 13.10 -11.82
N LEU A 99 -11.83 13.81 -12.15
CA LEU A 99 -12.97 14.01 -11.30
C LEU A 99 -13.48 12.72 -10.64
N GLY A 100 -13.95 12.82 -9.40
CA GLY A 100 -14.52 11.66 -8.70
C GLY A 100 -13.54 10.53 -8.52
N GLN A 101 -12.33 10.68 -9.05
CA GLN A 101 -11.32 9.62 -9.05
C GLN A 101 -10.14 9.87 -8.06
N PRO A 102 -9.94 8.95 -7.07
CA PRO A 102 -8.91 9.07 -6.01
C PRO A 102 -7.49 9.48 -6.46
N ASN A 103 -6.90 10.42 -5.72
CA ASN A 103 -5.67 11.09 -6.10
C ASN A 103 -4.92 11.51 -4.84
N THR A 104 -3.76 12.13 -5.03
CA THR A 104 -2.96 12.65 -3.94
C THR A 104 -2.45 14.06 -4.23
N LEU A 105 -2.71 14.97 -3.31
CA LEU A 105 -2.24 16.33 -3.45
C LEU A 105 -0.91 16.41 -2.73
N ILE A 106 0.02 17.13 -3.34
CA ILE A 106 1.32 17.24 -2.77
C ILE A 106 1.53 18.71 -2.44
N CYS A 107 2.16 18.97 -1.32
CA CYS A 107 2.54 20.30 -1.05
C CYS A 107 4.01 20.25 -0.79
N HIS A 108 4.76 20.92 -1.66
CA HIS A 108 6.19 21.01 -1.54
C HIS A 108 6.55 22.33 -0.91
N ILE A 109 7.12 22.29 0.30
CA ILE A 109 7.61 23.49 1.00
C ILE A 109 9.14 23.51 0.89
N ASP A 110 9.69 24.61 0.34
CA ASP A 110 11.10 24.64 -0.17
C ASP A 110 11.98 25.87 0.28
N LYS A 111 13.30 25.73 0.12
CA LYS A 111 14.29 26.76 0.38
C LYS A 111 14.28 27.43 1.75
N PHE A 112 13.81 26.74 2.80
CA PHE A 112 13.75 27.39 4.12
C PHE A 112 14.84 26.99 5.10
N PHE A 113 15.01 27.82 6.12
CA PHE A 113 15.89 27.59 7.25
C PHE A 113 15.30 28.41 8.39
N PRO A 114 15.23 27.86 9.63
CA PRO A 114 15.61 26.50 10.02
C PRO A 114 14.43 25.56 9.89
N PRO A 115 14.63 24.26 10.18
CA PRO A 115 13.62 23.25 10.03
C PRO A 115 12.75 23.25 11.26
N VAL A 116 12.05 24.38 11.44
CA VAL A 116 11.05 24.55 12.45
C VAL A 116 9.90 25.18 11.72
N LEU A 117 8.76 24.50 11.70
CA LEU A 117 7.81 24.66 10.63
C LEU A 117 6.50 23.98 11.01
N ASN A 118 5.41 24.72 10.93
CA ASN A 118 4.08 24.12 11.11
C ASN A 118 3.38 24.02 9.75
N VAL A 119 2.77 22.87 9.44
CA VAL A 119 1.99 22.74 8.20
C VAL A 119 0.69 21.96 8.39
N THR A 120 -0.37 22.45 7.76
CA THR A 120 -1.68 21.85 7.83
C THR A 120 -2.33 22.09 6.50
N TRP A 121 -3.20 21.16 6.10
CA TRP A 121 -4.03 21.31 4.93
C TRP A 121 -5.38 21.86 5.32
N LEU A 122 -6.00 22.58 4.40
CA LEU A 122 -7.33 23.08 4.60
C LEU A 122 -8.12 22.68 3.37
N CYS A 123 -9.31 22.14 3.60
CA CYS A 123 -10.24 21.81 2.52
C CYS A 123 -11.47 22.69 2.73
N ASN A 124 -11.83 23.46 1.71
CA ASN A 124 -12.79 24.56 1.83
C ASN A 124 -12.65 25.43 3.09
N GLY A 125 -11.40 25.63 3.53
CA GLY A 125 -11.15 26.47 4.69
C GLY A 125 -11.21 25.71 6.00
N GLU A 126 -11.53 24.41 5.98
CA GLU A 126 -11.47 23.67 7.24
C GLU A 126 -10.39 22.60 7.41
N LEU A 127 -9.72 22.66 8.56
CA LEU A 127 -8.65 21.77 8.96
C LEU A 127 -9.00 20.32 8.71
N VAL A 128 -8.05 19.63 8.11
CA VAL A 128 -8.25 18.29 7.66
C VAL A 128 -7.42 17.40 8.58
N THR A 129 -8.06 16.38 9.13
CA THR A 129 -7.53 15.58 10.23
C THR A 129 -7.07 14.17 9.87
N GLU A 130 -7.53 13.67 8.72
CA GLU A 130 -7.11 12.37 8.19
C GLU A 130 -6.80 12.40 6.67
N GLY A 131 -6.07 11.39 6.20
CA GLY A 131 -5.77 11.25 4.78
C GLY A 131 -4.52 12.02 4.44
N VAL A 132 -3.61 12.06 5.40
CA VAL A 132 -2.56 13.09 5.51
C VAL A 132 -1.23 12.42 5.91
N ALA A 133 -0.16 12.84 5.28
CA ALA A 133 1.15 12.27 5.55
C ALA A 133 2.22 13.32 5.35
N GLU A 134 3.44 13.04 5.81
CA GLU A 134 4.52 14.01 5.64
C GLU A 134 5.96 13.46 5.51
N SER A 135 6.78 14.12 4.71
CA SER A 135 8.18 13.72 4.53
C SER A 135 8.95 14.17 5.75
N LEU A 136 10.17 13.68 5.90
CA LEU A 136 11.12 14.21 6.89
C LEU A 136 11.49 15.64 6.52
N PHE A 137 12.35 16.29 7.30
CA PHE A 137 12.91 17.55 6.79
C PHE A 137 14.05 17.22 5.86
N LEU A 138 13.95 17.58 4.60
CA LEU A 138 14.97 17.13 3.66
C LEU A 138 16.10 18.13 3.46
N PRO A 139 17.35 17.63 3.40
CA PRO A 139 18.58 18.43 3.21
C PRO A 139 18.65 19.07 1.84
N ARG A 140 19.39 20.15 1.76
CA ARG A 140 19.56 20.87 0.51
C ARG A 140 21.01 21.21 0.36
N THR A 141 21.44 21.22 -0.89
CA THR A 141 22.75 21.62 -1.32
C THR A 141 23.27 22.94 -0.72
N ASP A 142 22.44 23.98 -0.75
CA ASP A 142 22.80 25.28 -0.16
C ASP A 142 22.56 25.36 1.35
N TYR A 143 22.30 24.23 1.98
CA TYR A 143 22.16 24.08 3.43
C TYR A 143 20.82 24.55 4.02
N SER A 144 19.94 25.12 3.18
CA SER A 144 18.50 25.26 3.53
C SER A 144 17.79 23.88 3.48
N PHE A 145 16.46 23.86 3.50
CA PHE A 145 15.71 22.61 3.65
C PHE A 145 14.45 22.57 2.78
N HIS A 146 13.96 21.36 2.54
CA HIS A 146 12.63 21.20 1.95
C HIS A 146 11.85 20.05 2.62
N LYS A 147 10.55 20.01 2.32
CA LYS A 147 9.69 19.05 2.94
C LYS A 147 8.49 18.86 2.04
N PHE A 148 7.79 17.73 2.21
CA PHE A 148 6.57 17.41 1.48
C PHE A 148 5.51 17.03 2.47
N HIS A 149 4.32 17.63 2.35
CA HIS A 149 3.09 17.02 2.90
C HIS A 149 2.18 16.50 1.80
N TYR A 150 1.42 15.45 2.14
CA TYR A 150 0.49 14.76 1.23
C TYR A 150 -0.90 14.70 1.77
N LEU A 151 -1.86 14.83 0.87
CA LEU A 151 -3.28 14.66 1.19
C LEU A 151 -3.96 13.76 0.15
N THR A 152 -4.49 12.61 0.57
CA THR A 152 -5.29 11.75 -0.33
C THR A 152 -6.72 12.26 -0.43
N PHE A 153 -7.26 12.33 -1.64
CA PHE A 153 -8.52 13.03 -1.83
C PHE A 153 -9.20 12.67 -3.14
N VAL A 154 -10.48 13.00 -3.22
CA VAL A 154 -11.26 12.76 -4.42
C VAL A 154 -11.53 14.11 -5.15
N PRO A 155 -10.80 14.37 -6.26
CA PRO A 155 -10.89 15.65 -6.97
C PRO A 155 -12.32 15.92 -7.36
N SER A 156 -12.68 17.20 -7.32
CA SER A 156 -14.04 17.64 -7.47
C SER A 156 -14.02 19.11 -7.76
N ALA A 157 -14.93 19.54 -8.62
CA ALA A 157 -15.07 20.95 -8.99
C ALA A 157 -15.61 21.82 -7.85
N GLU A 158 -16.35 21.21 -6.92
CA GLU A 158 -17.01 21.97 -5.85
C GLU A 158 -16.08 22.32 -4.65
N ASP A 159 -14.76 22.10 -4.79
CA ASP A 159 -13.82 22.12 -3.65
C ASP A 159 -12.50 22.82 -3.90
N PHE A 160 -12.05 23.62 -2.94
CA PHE A 160 -10.68 24.17 -3.00
C PHE A 160 -9.81 23.69 -1.81
N TYR A 161 -8.49 23.72 -2.00
CA TYR A 161 -7.54 23.35 -0.96
C TYR A 161 -6.47 24.42 -0.71
N ASP A 162 -5.96 24.54 0.51
CA ASP A 162 -4.75 25.35 0.74
C ASP A 162 -3.70 24.58 1.57
N CYS A 163 -2.42 24.69 1.18
CA CYS A 163 -1.34 24.32 2.10
C CYS A 163 -1.09 25.54 2.99
N ARG A 164 -1.21 25.36 4.29
CA ARG A 164 -1.05 26.45 5.25
C ARG A 164 0.24 26.27 6.03
N VAL A 165 1.13 27.26 5.92
CA VAL A 165 2.52 27.15 6.41
C VAL A 165 2.87 28.21 7.44
N GLU A 166 3.76 27.88 8.37
CA GLU A 166 4.13 28.79 9.44
C GLU A 166 5.62 28.64 9.71
N HIS A 167 6.33 29.76 9.68
CA HIS A 167 7.77 29.76 9.81
C HIS A 167 8.25 31.14 10.23
N TRP A 168 9.31 31.19 11.02
CA TRP A 168 9.79 32.43 11.61
C TRP A 168 10.20 33.50 10.60
N GLY A 169 10.37 33.11 9.34
CA GLY A 169 10.79 34.04 8.29
C GLY A 169 9.61 34.69 7.62
N LEU A 170 8.40 34.23 7.98
CA LEU A 170 7.15 34.79 7.50
C LEU A 170 6.54 35.72 8.56
N ASP A 171 6.02 36.87 8.13
CA ASP A 171 5.27 37.72 9.03
C ASP A 171 3.95 37.02 9.36
N GLN A 172 3.25 36.64 8.29
CA GLN A 172 1.93 36.05 8.36
C GLN A 172 2.05 34.57 8.03
N PRO A 173 1.12 33.74 8.53
CA PRO A 173 1.04 32.38 8.01
C PRO A 173 0.72 32.39 6.51
N LEU A 174 1.45 31.57 5.74
CA LEU A 174 1.29 31.52 4.27
C LEU A 174 0.35 30.41 3.76
N LEU A 175 -0.57 30.77 2.87
CA LEU A 175 -1.51 29.83 2.28
C LEU A 175 -1.28 29.66 0.78
N LYS A 176 -1.28 28.44 0.28
CA LYS A 176 -1.26 28.27 -1.17
C LYS A 176 -2.56 27.70 -1.68
N HIS A 177 -3.19 28.41 -2.59
CA HIS A 177 -4.42 27.90 -3.15
C HIS A 177 -4.12 26.83 -4.19
N TRP A 178 -4.99 25.85 -4.26
CA TRP A 178 -5.07 24.93 -5.38
C TRP A 178 -6.53 24.53 -5.54
N GLU A 179 -6.98 24.38 -6.79
CA GLU A 179 -8.33 23.85 -7.06
C GLU A 179 -8.35 23.19 -8.43
N ALA A 180 -9.24 22.22 -8.64
CA ALA A 180 -9.44 21.59 -9.95
C ALA A 180 -9.53 22.67 -11.02
N GLN A 181 -8.39 22.88 -11.68
CA GLN A 181 -8.20 24.04 -12.57
C GLN A 181 -9.17 24.00 -13.74
N ASN B 1 24.53 -7.36 3.97
CA ASN B 1 23.40 -6.61 3.35
C ASN B 1 22.93 -5.59 4.38
N LYS B 2 23.86 -5.20 5.25
CA LYS B 2 23.67 -4.09 6.12
C LYS B 2 24.40 -2.92 5.48
N PHE B 3 23.80 -1.75 5.55
CA PHE B 3 24.41 -0.52 5.08
C PHE B 3 25.56 -0.13 6.03
N ASP B 4 26.58 0.51 5.46
CA ASP B 4 27.79 0.98 6.14
C ASP B 4 27.67 2.44 6.58
N THR B 5 28.42 2.78 7.63
CA THR B 5 28.23 3.93 8.51
C THR B 5 29.57 4.58 8.83
N GLN B 6 29.64 5.90 8.82
CA GLN B 6 30.80 6.57 9.40
C GLN B 6 30.34 7.40 10.56
N LEU B 7 31.18 7.51 11.59
CA LEU B 7 30.96 8.50 12.65
C LEU B 7 31.58 9.84 12.23
N PHE B 8 30.86 10.93 12.48
CA PHE B 8 31.37 12.31 12.29
C PHE B 8 32.43 12.52 13.40
N HIS B 9 33.23 13.59 13.34
CA HIS B 9 34.18 13.91 14.44
C HIS B 9 33.59 14.70 15.58
N THR B 10 34.20 14.57 16.74
CA THR B 10 33.80 15.35 17.89
C THR B 10 34.87 16.37 18.24
N ILE B 11 34.73 17.53 17.62
CA ILE B 11 35.62 18.65 17.84
C ILE B 11 35.88 18.91 19.31
N THR B 12 37.14 19.26 19.61
CA THR B 12 37.54 19.80 20.92
C THR B 12 37.13 21.28 20.99
N GLY B 13 36.49 21.64 22.09
CA GLY B 13 35.83 22.94 22.26
C GLY B 13 34.59 22.71 23.12
N GLY B 14 34.09 21.47 23.08
CA GLY B 14 33.19 20.94 24.11
C GLY B 14 34.08 20.65 25.31
N SER B 15 35.35 21.01 25.13
CA SER B 15 36.46 20.84 26.09
C SER B 15 36.19 21.52 27.44
N SER B 26 12.17 36.50 16.61
CA SER B 26 12.01 35.02 16.62
C SER B 26 12.82 34.48 17.81
N PRO B 27 12.37 33.35 18.44
CA PRO B 27 13.13 32.79 19.60
C PRO B 27 14.52 32.17 19.20
N GLU B 28 15.39 31.98 20.19
CA GLU B 28 16.76 31.49 19.98
C GLU B 28 16.83 30.08 19.41
N ASN B 29 17.61 29.90 18.34
CA ASN B 29 17.81 28.58 17.79
C ASN B 29 19.18 28.41 17.20
N TYR B 30 19.86 27.35 17.63
CA TYR B 30 21.14 27.00 17.05
C TYR B 30 21.07 25.64 16.39
N LEU B 31 21.80 25.50 15.28
CA LEU B 31 21.73 24.30 14.45
C LEU B 31 23.11 23.82 13.96
N PHE B 32 23.34 22.52 14.08
CA PHE B 32 24.54 21.87 13.55
C PHE B 32 24.18 20.78 12.57
N GLN B 33 24.84 20.82 11.42
CA GLN B 33 24.56 19.91 10.29
C GLN B 33 25.84 19.23 9.89
N GLY B 34 25.68 18.01 9.40
CA GLY B 34 26.77 17.23 8.83
C GLY B 34 26.27 16.55 7.59
N ARG B 35 27.21 16.22 6.71
CA ARG B 35 26.94 15.60 5.43
C ARG B 35 28.08 14.66 5.26
N GLN B 36 27.78 13.48 4.79
CA GLN B 36 28.79 12.49 4.39
C GLN B 36 28.33 11.96 3.02
N GLU B 37 28.86 12.55 1.95
CA GLU B 37 28.34 12.39 0.61
C GLU B 37 29.27 11.58 -0.27
N CYS B 38 28.74 10.59 -0.99
CA CYS B 38 29.55 9.81 -1.92
C CYS B 38 29.15 10.12 -3.37
N TYR B 39 30.12 10.47 -4.20
CA TYR B 39 29.85 10.76 -5.60
C TYR B 39 30.37 9.63 -6.45
N ALA B 40 29.62 9.30 -7.50
CA ALA B 40 29.96 8.16 -8.35
C ALA B 40 30.03 8.50 -9.83
N PHE B 41 31.20 8.99 -10.27
CA PHE B 41 31.53 9.26 -11.69
C PHE B 41 32.02 7.97 -12.36
N ASN B 42 31.75 7.81 -13.66
CA ASN B 42 32.00 6.53 -14.38
C ASN B 42 32.87 5.52 -13.62
N GLY B 43 32.19 4.71 -12.81
CA GLY B 43 32.81 3.60 -12.09
C GLY B 43 33.82 3.98 -11.03
N THR B 44 33.62 5.13 -10.38
CA THR B 44 34.56 5.60 -9.34
C THR B 44 33.86 6.23 -8.13
N GLN B 45 34.63 6.63 -7.12
CA GLN B 45 34.04 7.04 -5.85
C GLN B 45 34.79 8.20 -5.22
N ARG B 46 34.10 9.31 -4.99
CA ARG B 46 34.68 10.49 -4.34
C ARG B 46 33.96 10.76 -3.02
N PHE B 47 34.72 10.97 -1.95
CA PHE B 47 34.09 11.25 -0.65
C PHE B 47 34.23 12.70 -0.19
N LEU B 48 33.10 13.30 0.23
CA LEU B 48 33.09 14.59 0.95
C LEU B 48 32.42 14.49 2.30
N GLU B 49 33.14 14.88 3.35
CA GLU B 49 32.55 14.98 4.68
C GLU B 49 32.43 16.45 5.06
N ARG B 50 31.23 16.92 5.35
CA ARG B 50 31.06 18.36 5.61
C ARG B 50 30.52 18.67 7.00
N TYR B 51 31.05 19.72 7.62
CA TYR B 51 30.61 20.12 8.95
C TYR B 51 30.08 21.55 8.90
N ILE B 52 28.78 21.72 9.18
CA ILE B 52 28.03 22.97 8.95
C ILE B 52 27.32 23.47 10.20
N TYR B 53 27.52 24.76 10.49
CA TYR B 53 26.85 25.46 11.59
C TYR B 53 25.87 26.49 11.09
N ASN B 54 24.59 26.32 11.44
CA ASN B 54 23.49 27.08 10.81
C ASN B 54 23.80 27.40 9.37
N ARG B 55 23.59 26.53 8.38
CA ARG B 55 23.75 27.05 6.97
C ARG B 55 25.16 27.46 6.50
N GLU B 56 26.14 27.39 7.40
CA GLU B 56 27.50 27.82 7.11
C GLU B 56 28.48 26.66 7.16
N GLU B 57 28.85 26.11 6.01
CA GLU B 57 29.91 25.12 5.96
C GLU B 57 31.20 25.81 6.35
N PHE B 58 31.83 25.31 7.41
CA PHE B 58 33.04 25.95 7.93
C PHE B 58 34.28 25.09 7.81
N VAL B 59 34.07 23.77 7.73
CA VAL B 59 35.12 22.82 7.37
C VAL B 59 34.59 21.58 6.60
N ARG B 60 35.51 20.95 5.86
CA ARG B 60 35.18 19.89 4.90
C ARG B 60 36.37 19.00 4.63
N PHE B 61 36.16 17.70 4.62
CA PHE B 61 37.14 16.77 4.06
C PHE B 61 36.75 16.30 2.65
N ASP B 62 37.50 16.72 1.63
CA ASP B 62 37.32 16.21 0.27
C ASP B 62 38.43 15.23 -0.04
N SER B 63 38.06 14.04 -0.50
CA SER B 63 39.04 12.97 -0.77
C SER B 63 39.94 13.22 -1.97
N ASP B 64 39.49 13.99 -2.96
CA ASP B 64 40.36 14.49 -4.05
C ASP B 64 41.51 15.32 -3.44
N VAL B 65 41.12 16.38 -2.73
CA VAL B 65 42.02 17.18 -1.90
C VAL B 65 42.89 16.29 -1.00
N GLY B 66 42.28 15.36 -0.28
CA GLY B 66 43.04 14.40 0.55
C GLY B 66 43.20 14.69 2.04
N GLU B 67 42.80 15.89 2.46
CA GLU B 67 42.86 16.32 3.87
C GLU B 67 41.83 17.42 4.15
N PHE B 68 41.81 17.93 5.38
CA PHE B 68 40.77 18.90 5.77
C PHE B 68 41.02 20.29 5.22
N ARG B 69 39.94 20.92 4.77
CA ARG B 69 40.01 22.29 4.28
C ARG B 69 38.98 23.13 5.01
N ALA B 70 39.49 24.10 5.77
CA ALA B 70 38.66 25.07 6.45
C ALA B 70 38.02 25.87 5.35
N VAL B 71 36.69 25.90 5.30
CA VAL B 71 35.98 26.70 4.32
C VAL B 71 35.82 28.12 4.83
N THR B 72 35.81 28.26 6.15
CA THR B 72 35.61 29.54 6.84
C THR B 72 36.66 29.69 7.92
N GLU B 73 36.92 30.91 8.37
CA GLU B 73 37.87 31.13 9.46
C GLU B 73 37.52 30.40 10.76
N LEU B 74 36.26 30.00 10.91
CA LEU B 74 35.82 29.11 11.98
C LEU B 74 36.37 27.69 11.82
N GLY B 75 36.96 27.43 10.67
CA GLY B 75 37.49 26.10 10.38
C GLY B 75 38.94 25.93 10.81
N ARG B 76 39.69 27.03 10.85
CA ARG B 76 41.10 27.02 11.26
C ARG B 76 41.42 26.09 12.45
N PRO B 77 40.71 26.22 13.59
CA PRO B 77 41.03 25.34 14.74
C PRO B 77 40.86 23.86 14.46
N ASP B 78 40.15 23.53 13.38
CA ASP B 78 39.91 22.14 13.02
C ASP B 78 40.89 21.61 11.97
N GLU B 79 41.05 22.34 10.87
CA GLU B 79 41.97 21.95 9.83
C GLU B 79 43.38 21.80 10.39
N GLU B 80 43.77 22.74 11.25
CA GLU B 80 45.09 22.67 11.87
C GLU B 80 45.23 21.50 12.85
N TYR B 81 44.22 21.24 13.69
CA TYR B 81 44.33 20.18 14.70
C TYR B 81 44.32 18.82 14.06
N TRP B 82 43.38 18.63 13.15
CA TRP B 82 43.07 17.31 12.65
C TRP B 82 44.12 16.82 11.63
N ASN B 83 44.73 17.75 10.91
CA ASN B 83 45.80 17.40 9.96
C ASN B 83 47.15 17.04 10.62
N SER B 84 47.18 17.07 11.95
CA SER B 84 48.24 16.45 12.73
C SER B 84 47.53 15.45 13.65
N GLN B 85 47.28 14.26 13.11
CA GLN B 85 46.35 13.31 13.70
C GLN B 85 46.16 12.12 12.74
N LYS B 86 47.13 11.94 11.85
CA LYS B 86 47.10 11.01 10.71
C LYS B 86 46.24 9.73 10.82
N ASP B 87 46.06 9.19 12.02
CA ASP B 87 45.22 7.99 12.23
C ASP B 87 43.75 8.25 11.90
N ILE B 88 43.32 9.49 12.15
CA ILE B 88 42.02 9.99 11.77
C ILE B 88 42.01 10.39 10.29
N LEU B 89 43.09 11.01 9.83
CA LEU B 89 43.22 11.46 8.45
C LEU B 89 43.29 10.29 7.46
N GLU B 90 43.57 9.10 7.97
CA GLU B 90 43.65 7.94 7.09
C GLU B 90 42.28 7.32 6.96
N GLU B 91 41.52 7.34 8.07
CA GLU B 91 40.14 6.83 8.08
C GLU B 91 39.26 7.55 7.08
N GLU B 92 39.46 8.85 6.96
CA GLU B 92 38.78 9.65 5.94
C GLU B 92 39.32 9.30 4.55
N ARG B 93 40.61 8.98 4.46
CA ARG B 93 41.24 8.58 3.18
C ARG B 93 40.77 7.25 2.56
N ALA B 94 40.42 6.30 3.45
CA ALA B 94 39.93 4.96 3.05
C ALA B 94 38.43 4.85 2.67
N VAL B 95 37.60 5.79 3.14
CA VAL B 95 36.16 5.77 2.87
C VAL B 95 35.77 5.45 1.41
N PRO B 96 36.46 6.11 0.38
CA PRO B 96 35.90 6.03 -0.98
C PRO B 96 35.83 4.60 -1.48
N ASP B 97 36.67 3.75 -0.88
CA ASP B 97 36.80 2.38 -1.28
C ASP B 97 36.34 1.41 -0.20
N ARG B 98 35.84 1.94 0.90
CA ARG B 98 35.06 1.13 1.85
C ARG B 98 33.58 1.56 1.76
N MET B 99 33.14 2.44 2.66
CA MET B 99 31.72 2.76 2.81
C MET B 99 31.10 3.14 1.48
N CYS B 100 31.71 4.06 0.75
CA CYS B 100 31.12 4.57 -0.49
C CYS B 100 30.87 3.45 -1.47
N ARG B 101 31.91 2.68 -1.73
CA ARG B 101 31.76 1.58 -2.66
C ARG B 101 30.90 0.45 -2.10
N HIS B 102 31.05 0.13 -0.81
CA HIS B 102 30.16 -0.86 -0.19
C HIS B 102 28.69 -0.53 -0.48
N ASN B 103 28.24 0.63 -0.01
CA ASN B 103 26.83 0.98 -0.11
C ASN B 103 26.33 1.16 -1.55
N TYR B 104 27.20 1.61 -2.42
CA TYR B 104 26.82 1.91 -3.77
C TYR B 104 26.32 0.62 -4.44
N GLU B 105 27.20 -0.37 -4.49
CA GLU B 105 26.91 -1.60 -5.16
C GLU B 105 25.92 -2.46 -4.35
N LEU B 106 25.93 -2.29 -3.03
CA LEU B 106 24.94 -2.95 -2.17
C LEU B 106 23.55 -2.46 -2.54
N GLY B 107 23.37 -1.15 -2.55
CA GLY B 107 22.06 -0.57 -2.82
C GLY B 107 21.56 -0.71 -4.23
N GLY B 108 22.49 -0.97 -5.18
CA GLY B 108 22.27 -0.99 -6.64
C GLY B 108 20.98 -1.51 -7.24
N PRO B 109 20.65 -2.78 -6.99
CA PRO B 109 19.50 -3.46 -7.61
C PRO B 109 18.12 -2.83 -7.35
N MET B 110 17.99 -2.07 -6.26
CA MET B 110 16.76 -1.31 -5.94
C MET B 110 16.89 0.21 -6.16
N THR B 111 18.01 0.63 -6.76
CA THR B 111 18.33 2.03 -6.95
C THR B 111 18.72 2.36 -8.40
N LEU B 112 19.99 2.07 -8.74
CA LEU B 112 20.48 2.21 -10.08
C LEU B 112 19.60 1.38 -10.98
N GLN B 113 19.33 0.15 -10.58
CA GLN B 113 18.49 -0.71 -11.38
C GLN B 113 17.00 -0.44 -11.25
N ARG B 114 16.61 0.56 -10.46
CA ARG B 114 15.17 0.82 -10.23
C ARG B 114 14.52 1.56 -11.38
N ARG B 115 13.54 0.92 -11.97
CA ARG B 115 12.97 1.45 -13.19
C ARG B 115 11.47 1.30 -13.08
N VAL B 116 10.79 2.44 -13.01
CA VAL B 116 9.35 2.47 -12.88
C VAL B 116 8.83 3.28 -14.06
N GLN B 117 7.83 2.75 -14.73
CA GLN B 117 7.38 3.20 -16.03
C GLN B 117 6.51 4.44 -16.03
N PRO B 118 6.74 5.35 -16.98
CA PRO B 118 5.95 6.56 -16.94
C PRO B 118 4.50 6.30 -17.33
N ARG B 119 3.58 7.08 -16.80
CA ARG B 119 2.21 7.05 -17.31
C ARG B 119 2.04 8.36 -18.07
N VAL B 120 1.26 8.35 -19.15
CA VAL B 120 1.15 9.52 -20.07
C VAL B 120 -0.29 10.00 -20.38
N ASN B 121 -0.52 11.29 -20.23
CA ASN B 121 -1.82 11.86 -20.51
C ASN B 121 -1.71 13.14 -21.30
N VAL B 122 -2.60 13.30 -22.28
CA VAL B 122 -2.56 14.44 -23.17
C VAL B 122 -3.91 15.15 -23.14
N SER B 123 -3.88 16.48 -22.95
CA SER B 123 -5.09 17.29 -22.87
C SER B 123 -4.93 18.66 -23.54
N PRO B 124 -6.03 19.23 -24.04
CA PRO B 124 -6.07 20.62 -24.52
C PRO B 124 -5.87 21.68 -23.45
N SER B 125 -5.88 22.95 -23.89
CA SER B 125 -5.88 24.14 -23.01
C SER B 125 -6.20 25.46 -23.74
N LYS B 126 -7.20 25.39 -24.64
CA LYS B 126 -7.56 26.54 -25.53
C LYS B 126 -8.21 27.78 -24.88
N LYS B 127 -8.86 27.61 -23.72
CA LYS B 127 -9.61 28.69 -23.03
C LYS B 127 -8.86 29.22 -21.79
N GLY B 128 -9.53 30.10 -21.03
CA GLY B 128 -8.91 30.72 -19.86
C GLY B 128 -8.45 32.13 -20.16
N HIS B 133 -3.41 32.37 -27.47
CA HIS B 133 -2.63 31.13 -27.53
C HIS B 133 -3.45 29.90 -27.97
N ASN B 134 -3.16 28.75 -27.34
CA ASN B 134 -3.78 27.46 -27.63
C ASN B 134 -2.76 26.34 -27.42
N LEU B 135 -2.78 25.77 -26.22
CA LEU B 135 -1.79 24.80 -25.76
C LEU B 135 -2.27 23.36 -25.76
N LEU B 136 -1.29 22.45 -25.88
CA LEU B 136 -1.49 21.03 -25.68
C LEU B 136 -0.50 20.56 -24.60
N VAL B 137 -1.00 19.75 -23.66
CA VAL B 137 -0.27 19.41 -22.45
C VAL B 137 0.08 17.93 -22.35
N CYS B 138 1.36 17.60 -22.48
CA CYS B 138 1.81 16.23 -22.26
C CYS B 138 2.27 16.01 -20.79
N HIS B 139 1.37 15.47 -19.96
CA HIS B 139 1.60 15.20 -18.53
C HIS B 139 2.11 13.77 -18.41
N VAL B 140 3.31 13.64 -17.88
CA VAL B 140 3.94 12.32 -17.76
C VAL B 140 4.17 12.02 -16.30
N THR B 141 3.54 10.97 -15.78
CA THR B 141 3.60 10.72 -14.32
C THR B 141 4.23 9.41 -13.84
N ASP B 142 4.70 9.40 -12.61
CA ASP B 142 4.96 8.15 -11.87
C ASP B 142 6.10 7.28 -12.38
N PHE B 143 7.21 7.94 -12.69
CA PHE B 143 8.35 7.25 -13.24
C PHE B 143 9.56 7.46 -12.39
N TYR B 144 10.49 6.51 -12.51
CA TYR B 144 11.79 6.62 -11.95
C TYR B 144 12.76 5.89 -12.87
N PRO B 145 13.94 6.45 -13.13
CA PRO B 145 14.51 7.65 -12.53
C PRO B 145 14.24 8.94 -13.31
N GLY B 146 14.71 10.05 -12.74
CA GLY B 146 14.46 11.39 -13.25
C GLY B 146 14.79 11.60 -14.71
N SER B 147 15.89 11.00 -15.15
CA SER B 147 16.31 11.15 -16.55
C SER B 147 15.22 10.64 -17.51
N ILE B 148 14.78 11.49 -18.44
CA ILE B 148 13.69 11.16 -19.37
C ILE B 148 13.74 12.11 -20.59
N GLN B 149 13.06 11.76 -21.67
CA GLN B 149 12.97 12.70 -22.80
C GLN B 149 11.57 12.71 -23.39
N VAL B 150 10.99 13.89 -23.49
CA VAL B 150 9.62 14.04 -23.97
C VAL B 150 9.65 14.93 -25.19
N ARG B 151 9.07 14.43 -26.28
CA ARG B 151 9.17 15.10 -27.56
C ARG B 151 7.82 15.26 -28.22
N TRP B 152 7.70 16.28 -29.06
CA TRP B 152 6.44 16.57 -29.71
C TRP B 152 6.51 16.42 -31.23
N PHE B 153 5.46 15.84 -31.80
CA PHE B 153 5.41 15.67 -33.24
C PHE B 153 4.11 16.13 -33.87
N LEU B 154 4.27 16.86 -34.97
CA LEU B 154 3.19 17.44 -35.78
C LEU B 154 3.26 16.76 -37.13
N ASN B 155 2.14 16.14 -37.57
CA ASN B 155 2.17 15.30 -38.83
C ASN B 155 3.53 14.66 -39.06
N GLY B 156 3.99 13.84 -38.10
CA GLY B 156 5.29 13.16 -38.20
C GLY B 156 6.53 13.99 -37.92
N GLN B 157 6.45 15.31 -38.12
CA GLN B 157 7.62 16.17 -37.95
C GLN B 157 7.82 16.60 -36.49
N GLU B 158 9.08 16.55 -36.01
CA GLU B 158 9.40 17.01 -34.67
C GLU B 158 9.23 18.52 -34.55
N GLU B 159 8.84 18.99 -33.36
CA GLU B 159 8.64 20.41 -33.10
C GLU B 159 9.51 20.85 -31.91
N THR B 160 10.38 21.84 -32.15
CA THR B 160 11.23 22.48 -31.11
C THR B 160 10.55 23.75 -30.64
N ALA B 161 9.99 24.48 -31.61
CA ALA B 161 9.34 25.77 -31.40
C ALA B 161 8.05 25.68 -30.60
N GLY B 162 7.85 26.63 -29.69
CA GLY B 162 6.61 26.74 -28.95
C GLY B 162 6.50 25.68 -27.88
N VAL B 163 7.63 25.18 -27.42
CA VAL B 163 7.65 24.05 -26.50
C VAL B 163 8.24 24.44 -25.14
N VAL B 164 7.39 24.30 -24.12
CA VAL B 164 7.76 24.55 -22.75
C VAL B 164 7.60 23.29 -21.92
N SER B 165 8.72 22.79 -21.42
CA SER B 165 8.70 21.71 -20.46
C SER B 165 8.99 22.31 -19.10
N THR B 166 8.24 21.86 -18.10
CA THR B 166 8.43 22.30 -16.72
C THR B 166 9.79 21.90 -16.26
N ASN B 167 10.19 22.30 -15.07
CA ASN B 167 11.34 21.60 -14.54
C ASN B 167 10.95 20.13 -14.27
N LEU B 168 11.90 19.29 -13.89
CA LEU B 168 11.49 17.94 -13.49
C LEU B 168 10.92 17.99 -12.07
N ILE B 169 9.74 17.42 -11.88
CA ILE B 169 9.08 17.54 -10.59
C ILE B 169 9.32 16.31 -9.73
N ARG B 170 9.77 16.51 -8.50
CA ARG B 170 10.05 15.39 -7.61
C ARG B 170 8.84 15.15 -6.71
N ASN B 171 8.24 13.96 -6.77
CA ASN B 171 7.07 13.68 -5.93
C ASN B 171 7.37 13.46 -4.46
N GLY B 172 8.63 13.20 -4.15
CA GLY B 172 9.03 12.96 -2.76
C GLY B 172 8.84 11.53 -2.32
N ASP B 173 8.29 10.66 -3.18
CA ASP B 173 8.07 9.27 -2.80
C ASP B 173 8.79 8.34 -3.76
N TRP B 174 9.95 8.77 -4.22
CA TRP B 174 10.66 8.01 -5.24
C TRP B 174 9.92 7.95 -6.61
N THR B 175 9.18 9.00 -6.98
CA THR B 175 8.66 9.11 -8.35
C THR B 175 8.73 10.53 -8.78
N PHE B 176 8.92 10.76 -10.08
CA PHE B 176 8.93 12.10 -10.67
C PHE B 176 7.73 12.27 -11.59
N GLN B 177 7.49 13.51 -11.99
CA GLN B 177 6.55 13.80 -13.03
C GLN B 177 7.11 14.96 -13.80
N ILE B 178 6.67 15.11 -15.04
CA ILE B 178 7.06 16.25 -15.85
C ILE B 178 5.88 16.61 -16.78
N LEU B 179 5.82 17.90 -17.14
CA LEU B 179 4.85 18.43 -18.11
C LEU B 179 5.50 19.20 -19.30
N VAL B 180 5.20 18.76 -20.50
CA VAL B 180 5.66 19.41 -21.70
C VAL B 180 4.46 19.88 -22.53
N MET B 181 4.34 21.18 -22.70
CA MET B 181 3.28 21.73 -23.50
C MET B 181 3.75 22.22 -24.85
N LEU B 182 2.84 22.23 -25.82
CA LEU B 182 3.12 22.78 -27.14
C LEU B 182 2.06 23.77 -27.58
N GLU B 183 2.51 24.92 -28.08
CA GLU B 183 1.59 25.91 -28.62
C GLU B 183 1.32 25.49 -30.03
N MET B 184 0.06 25.57 -30.45
CA MET B 184 -0.36 25.02 -31.76
C MET B 184 -1.48 25.82 -32.44
N THR B 185 -1.76 25.44 -33.69
CA THR B 185 -2.85 26.01 -34.51
C THR B 185 -3.27 24.99 -35.55
N PRO B 186 -4.14 24.02 -35.17
CA PRO B 186 -4.55 22.88 -36.04
C PRO B 186 -5.17 23.32 -37.37
N GLN B 187 -4.63 22.84 -38.50
CA GLN B 187 -5.10 23.31 -39.80
C GLN B 187 -6.35 22.55 -40.24
N GLN B 188 -6.23 21.22 -40.37
CA GLN B 188 -7.32 20.38 -40.90
C GLN B 188 -7.23 18.89 -40.49
N GLY B 189 -6.35 18.12 -41.13
CA GLY B 189 -6.20 16.69 -40.84
C GLY B 189 -5.08 16.33 -39.85
N ASP B 190 -4.72 17.31 -39.02
CA ASP B 190 -3.48 17.30 -38.23
C ASP B 190 -3.38 16.28 -37.09
N VAL B 191 -2.24 15.57 -37.08
CA VAL B 191 -1.94 14.62 -36.01
C VAL B 191 -0.73 15.10 -35.22
N TYR B 192 -0.96 15.26 -33.93
CA TYR B 192 0.07 15.63 -33.01
C TYR B 192 0.38 14.42 -32.15
N THR B 193 1.67 14.14 -31.96
CA THR B 193 2.05 13.00 -31.16
C THR B 193 3.09 13.40 -30.15
N CYS B 194 2.89 12.92 -28.94
CA CYS B 194 3.83 13.13 -27.84
C CYS B 194 4.53 11.83 -27.64
N GLN B 195 5.86 11.86 -27.62
CA GLN B 195 6.65 10.65 -27.50
C GLN B 195 7.60 10.70 -26.32
N VAL B 196 7.67 9.61 -25.57
CA VAL B 196 8.46 9.60 -24.34
C VAL B 196 9.56 8.52 -24.35
N GLU B 197 10.80 8.92 -24.07
CA GLU B 197 11.95 8.02 -24.02
C GLU B 197 12.41 7.94 -22.57
N HIS B 198 12.45 6.72 -22.02
CA HIS B 198 12.84 6.49 -20.64
C HIS B 198 13.41 5.08 -20.45
N THR B 199 14.51 4.95 -19.71
CA THR B 199 15.20 3.67 -19.46
C THR B 199 14.28 2.53 -19.02
N SER B 200 13.26 2.83 -18.23
CA SER B 200 12.28 1.81 -17.82
C SER B 200 11.59 1.11 -19.00
N LEU B 201 11.72 1.70 -20.19
CA LEU B 201 11.06 1.24 -21.42
C LEU B 201 12.01 0.75 -22.54
N ASP B 202 12.02 -0.56 -22.76
CA ASP B 202 12.64 -1.14 -23.95
C ASP B 202 12.33 -0.29 -25.19
N SER B 203 11.12 0.28 -25.26
CA SER B 203 10.62 1.03 -26.41
C SER B 203 9.90 2.35 -26.03
N PRO B 204 10.31 3.50 -26.63
CA PRO B 204 9.63 4.79 -26.43
C PRO B 204 8.09 4.71 -26.61
N VAL B 205 7.33 5.36 -25.73
CA VAL B 205 5.86 5.31 -25.70
C VAL B 205 5.27 6.55 -26.37
N THR B 206 4.14 6.39 -27.05
CA THR B 206 3.47 7.51 -27.73
C THR B 206 1.96 7.55 -27.49
N VAL B 207 1.43 8.77 -27.47
CA VAL B 207 0.01 9.01 -27.32
C VAL B 207 -0.32 10.25 -28.17
N GLU B 208 -1.44 10.16 -28.88
CA GLU B 208 -1.75 11.05 -30.00
C GLU B 208 -2.94 11.98 -29.74
N TRP B 209 -2.91 13.14 -30.40
CA TRP B 209 -4.11 13.96 -30.49
C TRP B 209 -4.45 14.13 -31.94
N LYS B 210 -5.63 13.63 -32.31
CA LYS B 210 -6.20 13.87 -33.62
C LYS B 210 -6.85 15.25 -33.66
N ALA B 211 -6.39 16.05 -34.63
CA ALA B 211 -6.90 17.41 -34.74
C ALA B 211 -7.93 17.51 -35.84
N GLN B 212 -8.86 16.56 -35.91
CA GLN B 212 -10.03 16.77 -36.77
C GLN B 212 -10.85 17.87 -36.10
N ILE C 1 -21.31 -30.94 -0.41
CA ILE C 1 -21.28 -31.88 -1.58
C ILE C 1 -20.02 -32.75 -1.60
N LYS C 2 -18.94 -32.29 -0.94
CA LYS C 2 -17.63 -32.99 -0.98
C LYS C 2 -17.06 -32.77 -2.35
N ALA C 3 -15.88 -32.20 -2.39
CA ALA C 3 -15.29 -31.84 -3.63
C ALA C 3 -13.85 -31.53 -3.30
N ASP C 4 -12.95 -31.85 -4.20
CA ASP C 4 -11.59 -31.43 -3.98
C ASP C 4 -11.59 -29.87 -4.05
N HIS C 5 -12.43 -29.32 -4.92
CA HIS C 5 -12.49 -27.87 -5.18
C HIS C 5 -13.90 -27.45 -5.63
N VAL C 6 -14.34 -26.30 -5.12
CA VAL C 6 -15.52 -25.60 -5.62
C VAL C 6 -15.11 -24.27 -6.26
N SER C 7 -15.31 -24.13 -7.57
CA SER C 7 -15.11 -22.85 -8.24
C SER C 7 -16.48 -22.22 -8.47
N THR C 8 -16.73 -21.03 -7.92
CA THR C 8 -18.05 -20.47 -8.14
C THR C 8 -18.18 -19.01 -8.60
N TYR C 9 -19.14 -18.77 -9.48
CA TYR C 9 -19.65 -17.42 -9.71
C TYR C 9 -20.83 -17.08 -8.81
N ALA C 10 -20.70 -15.99 -8.08
CA ALA C 10 -21.72 -15.54 -7.14
C ALA C 10 -21.95 -14.10 -7.43
N ALA C 11 -23.21 -13.70 -7.59
CA ALA C 11 -23.52 -12.30 -7.85
C ALA C 11 -24.84 -11.94 -7.19
N PHE C 12 -24.98 -10.66 -6.84
CA PHE C 12 -26.25 -10.14 -6.40
C PHE C 12 -26.54 -8.75 -6.99
N VAL C 13 -27.77 -8.32 -6.76
CA VAL C 13 -28.27 -7.06 -7.24
C VAL C 13 -29.24 -6.74 -6.17
N GLN C 14 -29.27 -5.49 -5.75
CA GLN C 14 -30.23 -5.04 -4.73
C GLN C 14 -30.59 -3.55 -4.93
N THR C 15 -31.51 -3.06 -4.11
CA THR C 15 -32.04 -1.73 -4.33
C THR C 15 -31.11 -0.66 -3.74
N HIS C 16 -30.44 -1.03 -2.66
CA HIS C 16 -29.59 -0.07 -1.97
C HIS C 16 -28.07 -0.14 -2.30
N ARG C 17 -27.42 0.97 -1.96
CA ARG C 17 -25.98 1.09 -1.72
C ARG C 17 -25.16 0.37 -2.79
N PRO C 18 -24.47 -0.77 -2.46
CA PRO C 18 -23.82 -1.49 -3.57
C PRO C 18 -24.87 -2.17 -4.46
N THR C 19 -25.25 -1.46 -5.52
CA THR C 19 -26.32 -1.82 -6.47
C THR C 19 -26.28 -3.26 -6.95
N GLY C 20 -25.07 -3.70 -7.28
CA GLY C 20 -24.80 -5.01 -7.82
C GLY C 20 -23.37 -5.41 -7.54
N GLU C 21 -23.11 -6.71 -7.64
CA GLU C 21 -21.75 -7.19 -7.54
C GLU C 21 -21.70 -8.46 -8.34
N PHE C 22 -20.57 -8.63 -9.00
CA PHE C 22 -20.29 -9.80 -9.79
C PHE C 22 -18.82 -10.25 -9.55
N MET C 23 -18.67 -11.42 -8.95
CA MET C 23 -17.36 -11.99 -8.71
C MET C 23 -17.25 -13.49 -9.07
N PHE C 24 -16.01 -13.99 -9.09
CA PHE C 24 -15.75 -15.45 -9.21
C PHE C 24 -14.87 -15.83 -8.03
N GLU C 25 -15.19 -16.94 -7.39
CA GLU C 25 -14.33 -17.45 -6.33
C GLU C 25 -13.87 -18.89 -6.49
N PHE C 26 -12.67 -19.17 -5.97
CA PHE C 26 -12.12 -20.48 -5.98
C PHE C 26 -11.89 -20.91 -4.54
N ASP C 27 -12.29 -22.14 -4.21
CA ASP C 27 -12.36 -22.60 -2.82
C ASP C 27 -12.56 -21.50 -1.81
N GLU C 28 -13.54 -20.66 -2.09
CA GLU C 28 -14.02 -19.65 -1.16
C GLU C 28 -13.22 -18.32 -1.11
N ASP C 29 -12.21 -18.13 -1.94
CA ASP C 29 -11.63 -16.78 -2.03
C ASP C 29 -11.91 -16.15 -3.38
N GLU C 30 -12.26 -14.87 -3.37
CA GLU C 30 -12.54 -14.12 -4.59
C GLU C 30 -11.30 -14.05 -5.45
N MET C 31 -11.40 -14.47 -6.70
CA MET C 31 -10.25 -14.54 -7.59
C MET C 31 -10.19 -13.29 -8.42
N PHE C 32 -11.36 -12.86 -8.89
CA PHE C 32 -11.54 -11.67 -9.72
C PHE C 32 -12.97 -11.30 -9.59
N TYR C 33 -13.28 -10.05 -9.96
CA TYR C 33 -14.63 -9.54 -9.96
C TYR C 33 -14.70 -8.47 -11.06
N VAL C 34 -15.92 -8.08 -11.45
CA VAL C 34 -16.09 -7.05 -12.47
C VAL C 34 -16.45 -5.75 -11.78
N ASP C 35 -15.66 -4.70 -12.04
CA ASP C 35 -15.96 -3.37 -11.51
C ASP C 35 -17.05 -2.78 -12.38
N LEU C 36 -18.19 -2.50 -11.78
CA LEU C 36 -19.37 -2.06 -12.52
C LEU C 36 -19.35 -0.59 -12.95
N ASP C 37 -18.58 0.25 -12.26
CA ASP C 37 -18.41 1.66 -12.69
C ASP C 37 -17.37 1.75 -13.81
N LYS C 38 -16.18 1.24 -13.53
CA LYS C 38 -15.09 1.25 -14.50
C LYS C 38 -15.36 0.33 -15.68
N LYS C 39 -16.31 -0.59 -15.49
CA LYS C 39 -16.65 -1.66 -16.44
C LYS C 39 -15.46 -2.50 -16.95
N GLU C 40 -14.53 -2.83 -16.05
CA GLU C 40 -13.38 -3.70 -16.36
C GLU C 40 -13.09 -4.80 -15.32
N THR C 41 -12.47 -5.91 -15.74
CA THR C 41 -12.22 -7.04 -14.82
C THR C 41 -11.03 -6.75 -13.89
N VAL C 42 -11.23 -6.95 -12.58
CA VAL C 42 -10.18 -6.78 -11.54
C VAL C 42 -9.80 -8.15 -10.98
N TRP C 43 -8.50 -8.40 -10.89
CA TRP C 43 -7.93 -9.65 -10.38
C TRP C 43 -7.37 -9.41 -9.01
N HIS C 44 -7.53 -10.38 -8.12
CA HIS C 44 -7.11 -10.25 -6.74
C HIS C 44 -5.59 -10.37 -6.50
N LEU C 45 -4.89 -11.16 -7.30
CA LEU C 45 -3.43 -11.30 -7.20
C LEU C 45 -2.76 -11.02 -8.54
N GLU C 46 -1.80 -10.10 -8.53
CA GLU C 46 -1.01 -9.71 -9.69
C GLU C 46 -0.78 -10.87 -10.67
N GLU C 47 -0.28 -11.98 -10.16
CA GLU C 47 0.07 -13.09 -11.04
C GLU C 47 -1.11 -13.74 -11.76
N PHE C 48 -2.32 -13.63 -11.24
CA PHE C 48 -3.47 -14.17 -12.00
C PHE C 48 -3.70 -13.27 -13.19
N GLY C 49 -3.77 -11.97 -12.94
CA GLY C 49 -3.94 -10.99 -14.02
C GLY C 49 -3.07 -11.28 -15.22
N GLN C 50 -1.77 -11.39 -14.98
CA GLN C 50 -0.81 -11.72 -16.00
C GLN C 50 -1.17 -12.98 -16.83
N ALA C 51 -1.77 -13.99 -16.18
CA ALA C 51 -2.00 -15.30 -16.83
C ALA C 51 -3.35 -15.43 -17.54
N PHE C 52 -4.42 -15.10 -16.85
CA PHE C 52 -5.74 -15.36 -17.40
C PHE C 52 -6.43 -14.07 -17.66
N SER C 53 -7.57 -14.16 -18.35
CA SER C 53 -8.48 -13.04 -18.54
C SER C 53 -9.91 -13.52 -18.46
N PHE C 54 -10.83 -12.56 -18.41
CA PHE C 54 -12.27 -12.76 -18.40
C PHE C 54 -12.89 -11.50 -19.00
N GLU C 55 -13.73 -11.68 -20.04
CA GLU C 55 -14.27 -10.54 -20.80
C GLU C 55 -15.35 -9.88 -19.96
N ALA C 56 -15.01 -8.74 -19.38
CA ALA C 56 -15.89 -8.04 -18.43
C ALA C 56 -17.39 -8.05 -18.78
N GLN C 57 -17.71 -7.79 -20.05
CA GLN C 57 -19.08 -7.53 -20.46
C GLN C 57 -20.08 -8.69 -20.20
N GLY C 58 -19.57 -9.85 -19.80
CA GLY C 58 -20.41 -10.98 -19.39
C GLY C 58 -21.00 -10.89 -17.99
N GLY C 59 -20.25 -10.29 -17.06
CA GLY C 59 -20.76 -9.96 -15.73
C GLY C 59 -21.82 -8.88 -15.78
N LEU C 60 -21.51 -7.82 -16.53
CA LEU C 60 -22.47 -6.77 -16.80
C LEU C 60 -23.77 -7.36 -17.29
N ALA C 61 -23.66 -8.31 -18.21
CA ALA C 61 -24.83 -8.96 -18.79
C ALA C 61 -25.56 -9.67 -17.68
N ASN C 62 -24.80 -10.42 -16.87
CA ASN C 62 -25.37 -11.20 -15.76
C ASN C 62 -26.04 -10.37 -14.69
N ILE C 63 -25.45 -9.21 -14.42
CA ILE C 63 -26.03 -8.24 -13.46
C ILE C 63 -27.34 -7.70 -14.01
N ALA C 64 -27.37 -7.52 -15.33
CA ALA C 64 -28.57 -6.97 -16.00
C ALA C 64 -29.68 -7.98 -15.95
N ILE C 65 -29.32 -9.25 -16.15
CA ILE C 65 -30.25 -10.35 -16.00
C ILE C 65 -30.72 -10.37 -14.56
N LEU C 66 -29.81 -10.48 -13.59
CA LEU C 66 -30.24 -10.52 -12.19
C LEU C 66 -31.14 -9.38 -11.79
N ASN C 67 -30.88 -8.22 -12.38
CA ASN C 67 -31.73 -7.04 -12.16
C ASN C 67 -33.13 -7.26 -12.65
N ASN C 68 -33.24 -7.88 -13.83
CA ASN C 68 -34.52 -8.33 -14.33
C ASN C 68 -35.20 -9.34 -13.43
N ASN C 69 -34.48 -10.35 -12.99
CA ASN C 69 -35.07 -11.32 -12.07
C ASN C 69 -35.56 -10.63 -10.80
N LEU C 70 -34.76 -9.66 -10.33
CA LEU C 70 -35.08 -8.92 -9.11
C LEU C 70 -36.48 -8.34 -9.19
N ASN C 71 -36.77 -7.64 -10.30
CA ASN C 71 -38.08 -7.04 -10.49
C ASN C 71 -39.19 -8.07 -10.55
N THR C 72 -38.91 -9.16 -11.28
CA THR C 72 -39.83 -10.27 -11.38
C THR C 72 -40.21 -10.76 -10.01
N LEU C 73 -39.22 -10.86 -9.14
CA LEU C 73 -39.48 -11.39 -7.82
C LEU C 73 -40.07 -10.41 -6.80
N ILE C 74 -39.76 -9.13 -6.96
CA ILE C 74 -40.37 -8.14 -6.09
C ILE C 74 -41.87 -8.27 -6.28
N GLN C 75 -42.31 -8.52 -7.51
CA GLN C 75 -43.73 -8.66 -7.81
C GLN C 75 -44.33 -9.98 -7.28
N ARG C 76 -43.64 -11.10 -7.48
CA ARG C 76 -44.20 -12.40 -7.03
C ARG C 76 -44.27 -12.54 -5.51
N SER C 77 -43.22 -12.10 -4.84
CA SER C 77 -43.13 -12.15 -3.38
C SER C 77 -44.13 -11.22 -2.66
N ASN C 78 -45.02 -10.59 -3.46
CA ASN C 78 -45.87 -9.48 -3.01
C ASN C 78 -45.00 -8.58 -2.16
N HIS C 79 -43.92 -8.10 -2.76
CA HIS C 79 -42.98 -7.20 -2.13
C HIS C 79 -42.46 -7.66 -0.77
N THR C 80 -41.87 -8.86 -0.70
CA THR C 80 -41.31 -9.33 0.57
C THR C 80 -39.88 -8.79 0.85
N GLN C 81 -39.72 -8.18 2.01
CA GLN C 81 -38.40 -7.82 2.55
C GLN C 81 -37.98 -8.81 3.65
N ALA C 82 -36.68 -9.05 3.74
CA ALA C 82 -36.16 -10.00 4.70
C ALA C 82 -35.72 -9.32 5.99
N THR C 83 -35.94 -10.02 7.11
CA THR C 83 -35.46 -9.62 8.43
C THR C 83 -33.96 -9.28 8.34
N ASN C 84 -33.53 -8.27 9.10
CA ASN C 84 -32.15 -7.80 9.01
C ASN C 84 -31.24 -8.62 9.90
N ASP C 85 -30.25 -9.28 9.32
CA ASP C 85 -29.37 -10.19 10.08
C ASP C 85 -28.07 -9.54 10.56
N PRO C 86 -27.89 -9.43 11.89
CA PRO C 86 -26.83 -8.64 12.46
C PRO C 86 -25.47 -9.31 12.32
N PRO C 87 -24.42 -8.49 12.17
CA PRO C 87 -23.09 -8.97 11.93
C PRO C 87 -22.44 -9.46 13.19
N GLU C 88 -21.51 -10.39 13.05
CA GLU C 88 -20.62 -10.83 14.12
C GLU C 88 -19.21 -10.35 13.72
N VAL C 89 -18.48 -9.79 14.68
CA VAL C 89 -17.19 -9.18 14.33
C VAL C 89 -16.06 -9.64 15.19
N THR C 90 -14.96 -9.94 14.52
CA THR C 90 -13.68 -10.17 15.15
C THR C 90 -12.64 -9.21 14.58
N VAL C 91 -11.60 -8.96 15.35
CA VAL C 91 -10.50 -8.10 14.92
C VAL C 91 -9.15 -8.75 15.28
N PHE C 92 -8.28 -8.92 14.28
CA PHE C 92 -6.98 -9.56 14.54
C PHE C 92 -5.90 -9.03 13.59
N PRO C 93 -4.63 -9.22 13.94
CA PRO C 93 -3.66 -8.83 12.93
C PRO C 93 -3.32 -10.02 12.07
N LYS C 94 -2.73 -9.73 10.91
CA LYS C 94 -2.33 -10.74 9.97
C LYS C 94 -1.10 -11.48 10.46
N GLU C 95 -0.22 -10.77 11.16
CA GLU C 95 1.04 -11.30 11.67
C GLU C 95 1.08 -11.24 13.19
N PRO C 96 1.90 -12.11 13.83
CA PRO C 96 2.13 -11.99 15.27
C PRO C 96 2.68 -10.62 15.54
N VAL C 97 2.14 -9.93 16.55
CA VAL C 97 2.52 -8.56 16.77
C VAL C 97 3.91 -8.43 17.41
N GLU C 98 4.80 -7.74 16.71
CA GLU C 98 6.11 -7.38 17.25
C GLU C 98 6.24 -5.87 17.25
N LEU C 99 6.70 -5.34 18.40
CA LEU C 99 7.20 -3.97 18.60
C LEU C 99 7.70 -3.28 17.31
N GLY C 100 7.16 -2.10 17.04
CA GLY C 100 7.55 -1.28 15.89
C GLY C 100 7.78 -1.96 14.54
N GLN C 101 6.97 -2.97 14.21
CA GLN C 101 7.16 -3.71 12.95
C GLN C 101 5.92 -3.69 12.04
N PRO C 102 5.98 -2.98 10.89
CA PRO C 102 4.80 -2.83 10.01
C PRO C 102 3.99 -4.13 9.88
N ASN C 103 2.67 -4.02 10.09
CA ASN C 103 1.74 -5.15 10.17
C ASN C 103 0.41 -4.75 9.53
N THR C 104 -0.61 -5.61 9.68
CA THR C 104 -1.90 -5.36 9.08
C THR C 104 -3.03 -5.91 9.92
N LEU C 105 -3.88 -4.99 10.38
CA LEU C 105 -5.10 -5.31 11.09
C LEU C 105 -6.22 -5.72 10.18
N ILE C 106 -6.89 -6.80 10.59
CA ILE C 106 -7.99 -7.32 9.83
C ILE C 106 -9.25 -7.26 10.68
N CYS C 107 -10.31 -6.78 10.06
CA CYS C 107 -11.57 -6.73 10.73
C CYS C 107 -12.53 -7.49 9.89
N HIS C 108 -12.95 -8.63 10.45
CA HIS C 108 -13.82 -9.55 9.74
C HIS C 108 -15.22 -9.36 10.30
N ILE C 109 -16.16 -9.11 9.39
CA ILE C 109 -17.59 -8.92 9.68
C ILE C 109 -18.34 -10.05 8.97
N ASP C 110 -19.22 -10.74 9.70
CA ASP C 110 -19.66 -12.05 9.25
C ASP C 110 -21.14 -12.35 9.62
N LYS C 111 -21.78 -13.22 8.85
CA LYS C 111 -23.10 -13.80 9.13
C LYS C 111 -24.23 -12.81 9.05
N PHE C 112 -24.04 -11.79 8.22
CA PHE C 112 -24.96 -10.65 8.17
C PHE C 112 -25.73 -10.50 6.86
N PHE C 113 -26.92 -9.92 6.96
CA PHE C 113 -27.75 -9.70 5.78
C PHE C 113 -28.69 -8.57 6.09
N PRO C 114 -28.86 -7.61 5.13
CA PRO C 114 -28.30 -7.55 3.77
C PRO C 114 -26.85 -7.02 3.68
N PRO C 115 -26.27 -7.00 2.49
CA PRO C 115 -24.94 -6.47 2.36
C PRO C 115 -24.98 -4.97 2.16
N VAL C 116 -25.27 -4.27 3.25
CA VAL C 116 -25.25 -2.81 3.31
C VAL C 116 -24.58 -2.45 4.62
N LEU C 117 -23.52 -1.65 4.54
CA LEU C 117 -22.57 -1.50 5.64
C LEU C 117 -21.93 -0.14 5.78
N ASN C 118 -21.73 0.25 7.03
CA ASN C 118 -20.88 1.37 7.34
C ASN C 118 -19.80 0.84 8.31
N VAL C 119 -18.55 0.80 7.82
CA VAL C 119 -17.38 0.33 8.60
C VAL C 119 -16.28 1.39 8.64
N THR C 120 -15.80 1.73 9.84
CA THR C 120 -14.73 2.72 9.99
C THR C 120 -13.68 2.26 10.99
N TRP C 121 -12.41 2.58 10.71
CA TRP C 121 -11.37 2.32 11.67
C TRP C 121 -11.19 3.53 12.57
N LEU C 122 -11.02 3.27 13.85
CA LEU C 122 -10.69 4.29 14.84
C LEU C 122 -9.38 3.91 15.52
N CYS C 123 -8.54 4.91 15.79
CA CYS C 123 -7.34 4.74 16.60
C CYS C 123 -7.32 5.85 17.65
N ASN C 124 -7.34 5.42 18.92
CA ASN C 124 -7.56 6.28 20.07
C ASN C 124 -8.85 7.10 19.97
N GLY C 125 -9.87 6.50 19.36
CA GLY C 125 -11.12 7.20 19.16
C GLY C 125 -11.15 8.17 18.01
N GLU C 126 -10.03 8.31 17.32
CA GLU C 126 -10.00 9.11 16.09
C GLU C 126 -10.04 8.25 14.82
N LEU C 127 -10.81 8.71 13.83
CA LEU C 127 -11.01 8.03 12.56
C LEU C 127 -9.69 7.88 11.82
N VAL C 128 -9.52 6.78 11.10
CA VAL C 128 -8.31 6.56 10.28
C VAL C 128 -8.68 6.25 8.82
N THR C 129 -7.91 6.83 7.91
CA THR C 129 -8.14 6.75 6.48
C THR C 129 -6.89 6.32 5.65
N GLU C 130 -5.69 6.63 6.15
CA GLU C 130 -4.45 6.19 5.51
C GLU C 130 -4.19 4.70 5.69
N GLY C 131 -3.66 4.08 4.63
CA GLY C 131 -3.29 2.65 4.63
C GLY C 131 -4.46 1.73 4.91
N VAL C 132 -5.57 2.07 4.29
CA VAL C 132 -6.88 1.47 4.54
C VAL C 132 -7.25 0.77 3.26
N ALA C 133 -7.98 -0.33 3.37
CA ALA C 133 -8.47 -1.07 2.22
C ALA C 133 -9.55 -2.00 2.76
N GLU C 134 -10.28 -2.64 1.85
CA GLU C 134 -11.39 -3.49 2.21
C GLU C 134 -11.60 -4.53 1.11
N SER C 135 -12.40 -5.55 1.38
CA SER C 135 -12.80 -6.49 0.32
C SER C 135 -14.18 -6.16 -0.31
N LEU C 136 -14.73 -7.13 -1.03
CA LEU C 136 -16.06 -7.04 -1.59
C LEU C 136 -16.97 -7.75 -0.60
N PHE C 137 -18.28 -7.67 -0.80
CA PHE C 137 -19.20 -8.45 0.02
C PHE C 137 -19.18 -9.86 -0.56
N LEU C 138 -18.59 -10.77 0.21
CA LEU C 138 -18.31 -12.12 -0.17
C LEU C 138 -19.45 -12.97 0.27
N PRO C 139 -19.90 -13.89 -0.59
CA PRO C 139 -21.07 -14.71 -0.33
C PRO C 139 -20.81 -15.87 0.60
N ARG C 140 -21.83 -16.24 1.35
CA ARG C 140 -21.80 -17.47 2.06
C ARG C 140 -22.79 -18.46 1.49
N THR C 141 -22.57 -19.68 1.94
CA THR C 141 -23.39 -20.80 1.67
C THR C 141 -24.79 -20.69 2.24
N ASP C 142 -24.94 -20.01 3.39
CA ASP C 142 -26.28 -19.78 3.97
C ASP C 142 -26.92 -18.47 3.46
N TYR C 143 -26.33 -17.95 2.38
CA TYR C 143 -26.84 -16.79 1.64
C TYR C 143 -26.83 -15.47 2.42
N SER C 144 -26.15 -15.46 3.57
CA SER C 144 -25.73 -14.23 4.20
C SER C 144 -24.40 -13.84 3.58
N PHE C 145 -23.71 -12.88 4.18
CA PHE C 145 -22.49 -12.31 3.62
C PHE C 145 -21.39 -12.09 4.65
N HIS C 146 -20.14 -12.12 4.19
CA HIS C 146 -19.05 -11.58 5.00
C HIS C 146 -18.20 -10.58 4.20
N LYS C 147 -17.26 -9.96 4.90
CA LYS C 147 -16.51 -8.86 4.35
C LYS C 147 -15.31 -8.63 5.25
N PHE C 148 -14.22 -8.11 4.66
CA PHE C 148 -13.02 -7.74 5.44
C PHE C 148 -12.66 -6.29 5.25
N HIS C 149 -12.06 -5.70 6.28
CA HIS C 149 -11.40 -4.41 6.13
C HIS C 149 -10.03 -4.52 6.71
N TYR C 150 -9.09 -3.76 6.14
CA TYR C 150 -7.66 -3.85 6.44
C TYR C 150 -7.08 -2.49 6.75
N LEU C 151 -6.20 -2.44 7.75
CA LEU C 151 -5.50 -1.22 8.08
C LEU C 151 -4.05 -1.55 8.38
N THR C 152 -3.15 -0.89 7.66
CA THR C 152 -1.73 -1.12 7.86
C THR C 152 -1.27 -0.29 9.04
N PHE C 153 -0.40 -0.84 9.86
CA PHE C 153 -0.03 -0.14 11.05
C PHE C 153 1.30 -0.64 11.64
N VAL C 154 1.89 0.19 12.50
CA VAL C 154 3.08 -0.15 13.22
C VAL C 154 2.68 -0.37 14.69
N PRO C 155 2.70 -1.65 15.15
CA PRO C 155 2.34 -1.97 16.52
C PRO C 155 2.99 -0.99 17.51
N SER C 156 2.21 -0.49 18.46
CA SER C 156 2.78 0.22 19.58
C SER C 156 1.91 0.09 20.84
N ALA C 157 2.56 -0.03 22.01
CA ALA C 157 1.87 -0.24 23.31
C ALA C 157 0.99 0.93 23.69
N GLU C 158 1.00 1.96 22.84
CA GLU C 158 0.25 3.20 23.07
C GLU C 158 -1.00 3.35 22.22
N ASP C 159 -1.06 2.64 21.08
CA ASP C 159 -2.20 2.76 20.19
C ASP C 159 -3.24 1.71 20.48
N PHE C 160 -4.51 2.10 20.41
CA PHE C 160 -5.60 1.14 20.55
C PHE C 160 -6.73 1.32 19.49
N TYR C 161 -7.21 0.20 18.96
CA TYR C 161 -7.98 0.23 17.73
C TYR C 161 -9.41 -0.22 17.87
N ASP C 162 -10.26 0.39 17.07
CA ASP C 162 -11.64 -0.04 16.95
C ASP C 162 -12.02 -0.16 15.51
N CYS C 163 -12.73 -1.24 15.26
CA CYS C 163 -13.42 -1.42 14.02
C CYS C 163 -14.86 -1.05 14.35
N ARG C 164 -15.40 -0.07 13.64
CA ARG C 164 -16.81 0.27 13.83
C ARG C 164 -17.73 -0.22 12.71
N VAL C 165 -18.80 -0.89 13.09
CA VAL C 165 -19.68 -1.46 12.09
C VAL C 165 -21.11 -1.01 12.27
N GLU C 166 -21.72 -0.60 11.17
CA GLU C 166 -23.13 -0.26 11.22
C GLU C 166 -23.90 -1.11 10.20
N HIS C 167 -25.07 -1.59 10.62
CA HIS C 167 -25.92 -2.42 9.80
C HIS C 167 -27.36 -2.36 10.36
N TRP C 168 -28.34 -2.21 9.48
CA TRP C 168 -29.77 -2.23 9.86
C TRP C 168 -30.16 -3.25 10.95
N GLY C 169 -29.38 -4.32 11.11
CA GLY C 169 -29.70 -5.36 12.10
C GLY C 169 -29.32 -5.02 13.54
N LEU C 170 -28.44 -4.04 13.73
CA LEU C 170 -28.02 -3.61 15.05
C LEU C 170 -28.77 -2.36 15.44
N ASP C 171 -29.12 -2.25 16.72
CA ASP C 171 -29.72 -1.00 17.22
C ASP C 171 -28.69 0.12 16.98
N GLN C 172 -27.51 -0.06 17.58
CA GLN C 172 -26.42 0.90 17.50
C GLN C 172 -25.15 0.27 16.93
N PRO C 173 -24.25 1.09 16.35
CA PRO C 173 -22.99 0.55 15.82
C PRO C 173 -22.24 -0.31 16.82
N LEU C 174 -21.53 -1.29 16.28
CA LEU C 174 -20.74 -2.21 17.06
C LEU C 174 -19.27 -1.82 17.03
N LEU C 175 -18.64 -1.79 18.19
CA LEU C 175 -17.20 -1.58 18.23
C LEU C 175 -16.48 -2.81 18.73
N LYS C 176 -15.68 -3.44 17.87
CA LYS C 176 -14.79 -4.47 18.35
C LYS C 176 -13.49 -3.82 18.67
N HIS C 177 -13.11 -3.93 19.94
CA HIS C 177 -11.91 -3.33 20.41
C HIS C 177 -10.75 -4.25 20.12
N TRP C 178 -9.59 -3.65 19.89
CA TRP C 178 -8.36 -4.43 19.80
C TRP C 178 -7.11 -3.63 20.16
N GLU C 179 -6.26 -4.26 20.97
CA GLU C 179 -5.00 -3.67 21.38
C GLU C 179 -3.93 -4.75 21.54
N ALA C 180 -2.67 -4.31 21.52
CA ALA C 180 -1.52 -5.17 21.77
C ALA C 180 -1.41 -5.60 23.26
N GLN C 181 -1.68 -6.89 23.52
CA GLN C 181 -1.60 -7.51 24.88
C GLN C 181 -0.29 -7.29 25.68
N ASN D 1 -6.47 -18.43 -22.37
CA ASN D 1 -6.20 -17.67 -21.13
C ASN D 1 -7.50 -17.15 -20.52
N LYS D 2 -8.60 -17.35 -21.23
CA LYS D 2 -9.87 -16.68 -20.95
C LYS D 2 -10.77 -17.61 -20.15
N PHE D 3 -11.30 -17.12 -19.02
CA PHE D 3 -12.28 -17.89 -18.24
C PHE D 3 -13.66 -17.83 -18.94
N ASP D 4 -14.33 -18.97 -19.02
CA ASP D 4 -15.72 -19.08 -19.45
C ASP D 4 -16.73 -18.62 -18.37
N THR D 5 -17.84 -18.01 -18.82
CA THR D 5 -19.02 -17.78 -17.96
C THR D 5 -20.27 -18.40 -18.55
N GLN D 6 -21.40 -18.21 -17.87
CA GLN D 6 -22.71 -18.60 -18.36
C GLN D 6 -23.69 -17.50 -18.00
N LEU D 7 -24.73 -17.38 -18.82
CA LEU D 7 -25.80 -16.44 -18.56
C LEU D 7 -26.85 -17.12 -17.69
N PHE D 8 -27.26 -16.43 -16.62
CA PHE D 8 -28.41 -16.83 -15.81
C PHE D 8 -29.66 -16.76 -16.73
N HIS D 9 -30.73 -17.47 -16.38
CA HIS D 9 -32.06 -17.28 -16.97
C HIS D 9 -32.71 -16.04 -16.53
N THR D 10 -33.46 -15.44 -17.45
CA THR D 10 -34.47 -14.46 -17.11
C THR D 10 -35.75 -15.19 -16.77
N ILE D 11 -36.02 -15.26 -15.48
CA ILE D 11 -37.24 -15.80 -14.96
C ILE D 11 -38.43 -14.96 -15.48
N THR D 12 -39.50 -15.64 -15.87
CA THR D 12 -40.72 -15.02 -16.40
C THR D 12 -41.80 -14.89 -15.29
N GLY D 13 -42.65 -13.86 -15.37
CA GLY D 13 -43.75 -13.69 -14.43
C GLY D 13 -44.10 -12.22 -14.21
N GLY D 14 -43.06 -11.40 -14.07
CA GLY D 14 -43.20 -9.93 -14.01
C GLY D 14 -43.47 -9.38 -15.40
N SER D 15 -44.60 -9.85 -15.98
CA SER D 15 -45.08 -9.44 -17.31
C SER D 15 -46.03 -8.22 -17.18
N SER D 26 -37.12 0.47 9.28
CA SER D 26 -35.89 0.29 8.43
C SER D 26 -36.17 0.69 6.97
N PRO D 27 -35.14 1.12 6.21
CA PRO D 27 -35.40 1.54 4.81
C PRO D 27 -35.77 0.36 3.83
N GLU D 28 -36.33 0.69 2.65
CA GLU D 28 -36.83 -0.30 1.68
C GLU D 28 -35.74 -1.00 0.83
N ASN D 29 -35.50 -2.26 1.12
CA ASN D 29 -34.52 -3.00 0.36
C ASN D 29 -34.98 -4.42 -0.05
N TYR D 30 -34.79 -4.78 -1.32
CA TYR D 30 -35.02 -6.17 -1.81
C TYR D 30 -33.80 -6.69 -2.57
N LEU D 31 -33.61 -8.00 -2.64
CA LEU D 31 -32.36 -8.51 -3.22
C LEU D 31 -32.47 -9.83 -3.98
N PHE D 32 -31.68 -9.94 -5.03
CA PHE D 32 -31.52 -11.19 -5.76
C PHE D 32 -30.07 -11.63 -5.79
N GLN D 33 -29.79 -12.90 -5.46
CA GLN D 33 -28.44 -13.50 -5.67
C GLN D 33 -28.52 -14.78 -6.49
N GLY D 34 -27.46 -15.16 -7.16
CA GLY D 34 -27.43 -16.43 -7.86
C GLY D 34 -26.11 -17.13 -7.58
N ARG D 35 -26.04 -18.41 -7.91
CA ARG D 35 -24.77 -19.13 -7.88
C ARG D 35 -24.64 -19.94 -9.15
N GLN D 36 -23.44 -19.92 -9.69
CA GLN D 36 -23.01 -20.90 -10.70
C GLN D 36 -21.85 -21.68 -10.08
N GLU D 37 -22.15 -22.85 -9.51
CA GLU D 37 -21.15 -23.61 -8.74
C GLU D 37 -20.61 -24.84 -9.48
N CYS D 38 -19.29 -24.91 -9.61
CA CYS D 38 -18.66 -26.08 -10.22
C CYS D 38 -17.85 -26.83 -9.21
N TYR D 39 -18.23 -28.08 -8.93
CA TYR D 39 -17.48 -28.93 -8.01
C TYR D 39 -16.62 -29.92 -8.76
N ALA D 40 -15.33 -29.95 -8.44
CA ALA D 40 -14.41 -30.95 -9.05
C ALA D 40 -14.18 -32.13 -8.09
N PHE D 41 -14.42 -33.35 -8.56
CA PHE D 41 -14.44 -34.49 -7.62
C PHE D 41 -13.72 -35.85 -7.97
N ASN D 42 -14.38 -36.83 -8.60
CA ASN D 42 -13.58 -37.94 -9.12
C ASN D 42 -13.42 -37.81 -10.61
N GLY D 43 -12.36 -37.10 -10.99
CA GLY D 43 -12.01 -36.89 -12.41
C GLY D 43 -13.10 -36.22 -13.20
N THR D 44 -14.05 -35.63 -12.50
CA THR D 44 -15.25 -35.08 -13.11
C THR D 44 -15.80 -33.77 -12.48
N GLN D 45 -16.80 -33.23 -13.14
CA GLN D 45 -17.32 -31.94 -12.76
C GLN D 45 -18.84 -32.02 -12.48
N ARG D 46 -19.25 -31.41 -11.39
CA ARG D 46 -20.66 -31.36 -11.04
C ARG D 46 -21.08 -29.89 -10.88
N PHE D 47 -22.19 -29.54 -11.52
CA PHE D 47 -22.67 -28.16 -11.64
C PHE D 47 -23.97 -27.82 -10.87
N LEU D 48 -23.94 -26.77 -10.03
CA LEU D 48 -25.18 -26.18 -9.47
C LEU D 48 -25.37 -24.70 -9.80
N GLU D 49 -26.58 -24.40 -10.29
CA GLU D 49 -27.03 -23.04 -10.48
C GLU D 49 -28.16 -22.79 -9.52
N ARG D 50 -28.06 -21.72 -8.72
CA ARG D 50 -29.10 -21.43 -7.72
C ARG D 50 -29.71 -20.06 -7.94
N TYR D 51 -31.02 -20.01 -7.87
CA TYR D 51 -31.71 -18.75 -7.98
C TYR D 51 -32.30 -18.45 -6.60
N ILE D 52 -31.94 -17.27 -6.07
CA ILE D 52 -32.18 -16.93 -4.67
C ILE D 52 -32.74 -15.53 -4.52
N TYR D 53 -33.82 -15.43 -3.76
CA TYR D 53 -34.49 -14.18 -3.49
C TYR D 53 -34.37 -13.98 -2.00
N ASN D 54 -33.87 -12.81 -1.57
CA ASN D 54 -33.31 -12.59 -0.22
C ASN D 54 -33.09 -13.85 0.66
N ARG D 55 -31.90 -14.44 0.69
CA ARG D 55 -31.71 -15.63 1.59
C ARG D 55 -32.60 -16.84 1.32
N GLU D 56 -33.60 -16.69 0.47
CA GLU D 56 -34.43 -17.80 0.17
C GLU D 56 -34.13 -18.31 -1.23
N GLU D 57 -33.40 -19.41 -1.28
CA GLU D 57 -33.15 -20.10 -2.53
C GLU D 57 -34.41 -20.85 -2.88
N PHE D 58 -34.97 -20.56 -4.05
CA PHE D 58 -36.32 -21.04 -4.34
C PHE D 58 -36.40 -22.00 -5.52
N VAL D 59 -35.39 -21.98 -6.39
CA VAL D 59 -35.21 -22.97 -7.46
C VAL D 59 -33.72 -23.21 -7.82
N ARG D 60 -33.43 -24.34 -8.47
CA ARG D 60 -32.06 -24.86 -8.51
C ARG D 60 -31.88 -25.90 -9.62
N PHE D 61 -30.80 -25.76 -10.39
CA PHE D 61 -30.39 -26.83 -11.31
C PHE D 61 -29.21 -27.58 -10.71
N ASP D 62 -29.34 -28.90 -10.65
CA ASP D 62 -28.26 -29.73 -10.18
C ASP D 62 -28.00 -30.79 -11.24
N SER D 63 -26.77 -30.82 -11.73
CA SER D 63 -26.47 -31.66 -12.86
C SER D 63 -26.55 -33.15 -12.48
N ASP D 64 -26.33 -33.46 -11.20
CA ASP D 64 -26.68 -34.80 -10.67
C ASP D 64 -28.18 -35.07 -10.74
N VAL D 65 -29.01 -34.08 -10.42
CA VAL D 65 -30.47 -34.24 -10.58
C VAL D 65 -30.94 -34.28 -12.04
N GLY D 66 -30.27 -33.53 -12.92
CA GLY D 66 -30.61 -33.56 -14.34
C GLY D 66 -31.61 -32.51 -14.81
N GLU D 67 -32.41 -31.99 -13.89
CA GLU D 67 -33.46 -31.02 -14.25
C GLU D 67 -33.72 -30.09 -13.09
N PHE D 68 -34.60 -29.09 -13.28
CA PHE D 68 -34.88 -28.10 -12.24
C PHE D 68 -35.72 -28.60 -11.09
N ARG D 69 -35.58 -27.93 -9.95
CA ARG D 69 -36.32 -28.27 -8.75
C ARG D 69 -36.58 -27.02 -7.92
N ALA D 70 -37.85 -26.73 -7.70
CA ALA D 70 -38.25 -25.71 -6.71
C ALA D 70 -37.79 -26.15 -5.33
N VAL D 71 -37.10 -25.27 -4.62
CA VAL D 71 -36.69 -25.51 -3.24
C VAL D 71 -37.79 -25.06 -2.28
N THR D 72 -38.31 -23.85 -2.51
CA THR D 72 -39.48 -23.35 -1.79
C THR D 72 -40.64 -23.63 -2.71
N GLU D 73 -41.86 -23.43 -2.22
CA GLU D 73 -43.03 -23.39 -3.11
C GLU D 73 -42.98 -22.14 -4.01
N LEU D 74 -42.20 -21.15 -3.59
CA LEU D 74 -42.08 -19.93 -4.33
C LEU D 74 -41.48 -20.20 -5.70
N GLY D 75 -40.72 -21.28 -5.79
CA GLY D 75 -39.91 -21.54 -6.96
C GLY D 75 -40.64 -22.41 -7.93
N ARG D 76 -41.82 -22.86 -7.47
CA ARG D 76 -42.65 -23.88 -8.13
C ARG D 76 -43.11 -23.58 -9.56
N PRO D 77 -43.38 -22.31 -9.92
CA PRO D 77 -43.65 -22.12 -11.36
C PRO D 77 -42.41 -21.98 -12.27
N ASP D 78 -41.23 -21.80 -11.69
CA ASP D 78 -40.02 -21.86 -12.50
C ASP D 78 -39.62 -23.30 -12.84
N GLU D 79 -39.91 -24.23 -11.94
CA GLU D 79 -39.68 -25.64 -12.22
C GLU D 79 -40.51 -26.12 -13.42
N GLU D 80 -41.83 -26.01 -13.27
CA GLU D 80 -42.76 -26.54 -14.25
C GLU D 80 -42.52 -25.90 -15.60
N TYR D 81 -42.34 -24.58 -15.61
CA TYR D 81 -42.13 -23.87 -16.86
C TYR D 81 -40.85 -24.29 -17.57
N TRP D 82 -39.73 -24.19 -16.85
CA TRP D 82 -38.41 -24.46 -17.44
C TRP D 82 -37.99 -25.91 -17.74
N ASN D 83 -38.56 -26.88 -17.00
CA ASN D 83 -38.45 -28.32 -17.30
C ASN D 83 -39.11 -28.75 -18.63
N SER D 84 -39.79 -27.81 -19.28
CA SER D 84 -40.42 -28.10 -20.56
C SER D 84 -39.73 -27.36 -21.70
N GLN D 85 -38.73 -26.57 -21.34
CA GLN D 85 -37.92 -25.90 -22.35
C GLN D 85 -36.70 -26.76 -22.57
N LYS D 86 -36.89 -27.75 -23.43
CA LYS D 86 -35.88 -28.77 -23.68
C LYS D 86 -34.54 -28.21 -24.16
N ASP D 87 -34.57 -27.17 -24.99
CA ASP D 87 -33.32 -26.51 -25.44
C ASP D 87 -32.50 -25.91 -24.30
N ILE D 88 -33.16 -25.24 -23.36
CA ILE D 88 -32.52 -24.68 -22.18
C ILE D 88 -31.99 -25.76 -21.23
N LEU D 89 -32.89 -26.64 -20.83
CA LEU D 89 -32.54 -27.85 -20.09
C LEU D 89 -31.24 -28.59 -20.54
N GLU D 90 -30.90 -28.57 -21.83
CA GLU D 90 -29.68 -29.22 -22.29
C GLU D 90 -28.51 -28.27 -22.16
N GLU D 91 -28.82 -27.00 -22.17
CA GLU D 91 -27.81 -25.96 -22.07
C GLU D 91 -27.20 -25.95 -20.65
N GLU D 92 -28.03 -26.27 -19.65
CA GLU D 92 -27.54 -26.50 -18.28
C GLU D 92 -26.81 -27.83 -18.17
N ARG D 93 -27.29 -28.87 -18.85
CA ARG D 93 -26.69 -30.21 -18.76
C ARG D 93 -25.33 -30.30 -19.41
N ALA D 94 -25.07 -29.37 -20.32
CA ALA D 94 -23.82 -29.27 -21.07
C ALA D 94 -22.72 -28.61 -20.27
N VAL D 95 -23.11 -27.93 -19.17
CA VAL D 95 -22.19 -27.11 -18.42
C VAL D 95 -21.07 -27.85 -17.70
N PRO D 96 -21.32 -29.08 -17.20
CA PRO D 96 -20.16 -29.74 -16.57
C PRO D 96 -19.03 -30.11 -17.54
N ASP D 97 -19.32 -30.21 -18.83
CA ASP D 97 -18.26 -30.45 -19.83
C ASP D 97 -17.79 -29.21 -20.63
N ARG D 98 -18.49 -28.08 -20.50
CA ARG D 98 -18.05 -26.81 -21.08
C ARG D 98 -17.43 -25.94 -20.00
N MET D 99 -18.18 -25.00 -19.42
CA MET D 99 -17.60 -24.00 -18.53
C MET D 99 -16.81 -24.59 -17.36
N CYS D 100 -17.39 -25.55 -16.64
CA CYS D 100 -16.68 -26.17 -15.51
C CYS D 100 -15.36 -26.83 -15.92
N ARG D 101 -15.37 -27.67 -16.96
CA ARG D 101 -14.13 -28.26 -17.46
C ARG D 101 -13.16 -27.20 -17.97
N HIS D 102 -13.64 -26.29 -18.82
CA HIS D 102 -12.83 -25.18 -19.31
C HIS D 102 -12.05 -24.44 -18.20
N ASN D 103 -12.75 -23.91 -17.20
CA ASN D 103 -12.09 -23.13 -16.15
C ASN D 103 -11.12 -24.00 -15.30
N TYR D 104 -11.47 -25.28 -15.12
CA TYR D 104 -10.72 -26.16 -14.24
C TYR D 104 -9.36 -26.46 -14.84
N GLU D 105 -9.35 -26.81 -16.12
CA GLU D 105 -8.13 -27.11 -16.82
C GLU D 105 -7.43 -25.85 -17.25
N LEU D 106 -8.06 -24.69 -17.02
CA LEU D 106 -7.47 -23.41 -17.38
C LEU D 106 -6.69 -22.84 -16.22
N GLY D 107 -7.34 -22.72 -15.08
CA GLY D 107 -6.67 -22.26 -13.87
C GLY D 107 -5.58 -23.25 -13.55
N GLY D 108 -5.96 -24.53 -13.54
CA GLY D 108 -5.02 -25.68 -13.55
C GLY D 108 -3.78 -25.55 -12.70
N PRO D 109 -2.62 -25.36 -13.35
CA PRO D 109 -1.30 -25.32 -12.67
C PRO D 109 -1.27 -24.31 -11.50
N MET D 110 -1.28 -23.04 -11.86
CA MET D 110 -1.36 -21.92 -10.95
C MET D 110 -2.40 -22.08 -9.86
N THR D 111 -3.43 -22.86 -10.12
CA THR D 111 -4.60 -22.79 -9.25
C THR D 111 -4.65 -23.86 -8.16
N LEU D 112 -4.83 -25.10 -8.56
CA LEU D 112 -5.05 -26.21 -7.63
C LEU D 112 -3.83 -26.57 -6.80
N GLN D 113 -2.63 -26.44 -7.38
CA GLN D 113 -1.39 -26.79 -6.66
C GLN D 113 -0.67 -25.55 -6.09
N ARG D 114 -1.44 -24.55 -5.66
CA ARG D 114 -0.89 -23.33 -5.06
C ARG D 114 -0.60 -23.58 -3.60
N ARG D 115 0.65 -23.34 -3.21
CA ARG D 115 1.02 -23.54 -1.82
C ARG D 115 1.98 -22.47 -1.37
N VAL D 116 1.61 -21.81 -0.27
CA VAL D 116 2.49 -20.84 0.38
C VAL D 116 2.86 -21.41 1.74
N GLN D 117 4.16 -21.51 2.00
CA GLN D 117 4.69 -22.07 3.24
C GLN D 117 4.37 -21.15 4.43
N PRO D 118 3.93 -21.74 5.57
CA PRO D 118 3.54 -21.05 6.81
C PRO D 118 4.71 -20.49 7.57
N ARG D 119 4.41 -19.60 8.53
CA ARG D 119 5.44 -19.11 9.48
C ARG D 119 4.91 -19.40 10.86
N VAL D 120 5.77 -19.88 11.74
CA VAL D 120 5.32 -20.24 13.09
C VAL D 120 6.04 -19.46 14.19
N ASN D 121 5.29 -19.09 15.22
CA ASN D 121 5.78 -18.22 16.26
C ASN D 121 5.19 -18.66 17.58
N VAL D 122 6.05 -18.98 18.55
CA VAL D 122 5.66 -19.39 19.91
C VAL D 122 5.94 -18.25 20.94
N SER D 123 4.96 -18.00 21.80
CA SER D 123 5.01 -16.94 22.83
C SER D 123 4.12 -17.38 23.97
N PRO D 124 4.44 -16.95 25.21
CA PRO D 124 3.60 -17.28 26.37
C PRO D 124 2.41 -16.34 26.61
N SER D 125 1.67 -16.62 27.69
CA SER D 125 0.64 -15.76 28.28
C SER D 125 0.28 -16.33 29.66
N LYS D 126 0.40 -15.49 30.70
CA LYS D 126 0.12 -15.87 32.10
C LYS D 126 0.27 -14.70 33.10
N LYS D 127 0.40 -13.47 32.58
CA LYS D 127 0.77 -12.28 33.40
C LYS D 127 -0.37 -11.52 34.09
N GLY D 128 -0.20 -11.23 35.39
CA GLY D 128 -1.18 -10.52 36.20
C GLY D 128 -0.56 -9.86 37.42
N HIS D 133 -4.63 -19.08 34.15
CA HIS D 133 -4.00 -19.97 33.18
C HIS D 133 -2.46 -20.11 33.35
N ASN D 134 -1.75 -20.24 32.22
CA ASN D 134 -0.30 -20.45 32.08
C ASN D 134 -0.28 -21.18 30.74
N LEU D 135 0.07 -20.45 29.67
CA LEU D 135 -0.43 -20.76 28.35
C LEU D 135 0.56 -20.42 27.24
N LEU D 136 0.95 -21.41 26.45
CA LEU D 136 1.89 -21.25 25.36
C LEU D 136 1.11 -21.16 24.03
N VAL D 137 1.46 -20.18 23.20
CA VAL D 137 0.72 -19.91 21.94
C VAL D 137 1.55 -20.19 20.68
N CYS D 138 1.00 -20.98 19.77
CA CYS D 138 1.67 -21.25 18.49
C CYS D 138 0.93 -20.56 17.34
N HIS D 139 1.32 -19.33 17.04
CA HIS D 139 0.73 -18.53 15.99
C HIS D 139 1.31 -19.00 14.69
N VAL D 140 0.45 -19.49 13.80
CA VAL D 140 0.85 -20.03 12.51
C VAL D 140 0.16 -19.23 11.39
N THR D 141 0.92 -18.68 10.44
CA THR D 141 0.42 -17.63 9.56
C THR D 141 0.82 -17.74 8.08
N ASP D 142 0.13 -16.99 7.21
CA ASP D 142 0.59 -16.77 5.83
C ASP D 142 0.71 -18.02 4.96
N PHE D 143 -0.11 -19.03 5.25
CA PHE D 143 -0.05 -20.27 4.51
C PHE D 143 -1.24 -20.44 3.59
N TYR D 144 -1.05 -21.19 2.53
CA TYR D 144 -2.11 -21.57 1.65
C TYR D 144 -1.70 -22.97 1.22
N PRO D 145 -2.65 -23.92 1.11
CA PRO D 145 -4.07 -23.81 1.41
C PRO D 145 -4.39 -24.10 2.89
N GLY D 146 -5.66 -24.35 3.16
CA GLY D 146 -6.20 -24.25 4.49
C GLY D 146 -5.97 -25.44 5.38
N SER D 147 -5.99 -26.62 4.81
CA SER D 147 -5.68 -27.82 5.57
C SER D 147 -4.33 -27.61 6.21
N ILE D 148 -4.24 -27.91 7.51
CA ILE D 148 -2.98 -27.83 8.24
C ILE D 148 -3.05 -28.71 9.51
N GLN D 149 -1.95 -29.35 9.87
CA GLN D 149 -1.96 -30.11 11.10
C GLN D 149 -0.99 -29.49 12.07
N VAL D 150 -1.44 -29.27 13.30
CA VAL D 150 -0.60 -28.63 14.30
C VAL D 150 -0.63 -29.49 15.55
N ARG D 151 0.53 -29.99 15.94
CA ARG D 151 0.66 -30.82 17.12
C ARG D 151 1.59 -30.16 18.15
N TRP D 152 1.40 -30.50 19.42
CA TRP D 152 2.16 -29.97 20.55
C TRP D 152 2.88 -31.10 21.27
N PHE D 153 4.16 -30.90 21.54
CA PHE D 153 4.94 -31.91 22.22
C PHE D 153 5.59 -31.36 23.47
N LEU D 154 5.64 -32.19 24.51
CA LEU D 154 6.44 -31.88 25.68
C LEU D 154 7.45 -33.00 25.83
N ASN D 155 8.71 -32.63 26.01
CA ASN D 155 9.82 -33.59 26.13
C ASN D 155 9.84 -34.70 25.06
N GLY D 156 9.36 -34.36 23.88
CA GLY D 156 9.26 -35.32 22.80
C GLY D 156 8.22 -36.39 23.07
N GLN D 157 7.10 -36.02 23.68
CA GLN D 157 5.87 -36.81 23.65
C GLN D 157 4.69 -35.87 23.44
N GLU D 158 3.77 -36.26 22.56
CA GLU D 158 2.66 -35.40 22.19
C GLU D 158 1.73 -35.12 23.37
N GLU D 159 1.40 -33.85 23.54
CA GLU D 159 0.37 -33.43 24.48
C GLU D 159 -0.92 -33.12 23.75
N THR D 160 -2.00 -33.76 24.15
CA THR D 160 -3.31 -33.55 23.54
C THR D 160 -4.28 -32.81 24.46
N ALA D 161 -4.10 -32.97 25.78
CA ALA D 161 -4.94 -32.31 26.79
C ALA D 161 -4.75 -30.81 26.82
N GLY D 162 -5.84 -30.08 27.02
CA GLY D 162 -5.81 -28.65 27.24
C GLY D 162 -5.18 -27.95 26.08
N VAL D 163 -5.67 -28.27 24.89
CA VAL D 163 -5.22 -27.61 23.71
C VAL D 163 -6.45 -26.97 23.11
N VAL D 164 -6.35 -25.68 22.83
CA VAL D 164 -7.42 -24.93 22.21
C VAL D 164 -6.89 -24.41 20.90
N SER D 165 -7.62 -24.65 19.82
CA SER D 165 -7.29 -23.98 18.58
C SER D 165 -8.42 -23.09 18.09
N THR D 166 -8.05 -21.91 17.59
CA THR D 166 -8.99 -21.04 16.93
C THR D 166 -9.54 -21.82 15.75
N ASN D 167 -10.74 -21.45 15.30
CA ASN D 167 -11.15 -21.98 14.01
C ASN D 167 -10.19 -21.42 12.95
N LEU D 168 -10.26 -21.97 11.75
CA LEU D 168 -9.41 -21.54 10.64
C LEU D 168 -9.70 -20.09 10.22
N ILE D 169 -8.66 -19.31 10.14
CA ILE D 169 -8.86 -17.90 9.94
C ILE D 169 -8.53 -17.51 8.52
N ARG D 170 -9.56 -17.14 7.79
CA ARG D 170 -9.32 -16.72 6.45
C ARG D 170 -8.82 -15.29 6.56
N ASN D 171 -7.68 -14.97 5.97
CA ASN D 171 -7.31 -13.56 5.98
C ASN D 171 -8.05 -12.79 4.90
N GLY D 172 -8.61 -13.50 3.92
CA GLY D 172 -9.32 -12.85 2.81
C GLY D 172 -8.38 -12.28 1.74
N ASP D 173 -7.09 -12.58 1.84
CA ASP D 173 -6.12 -12.21 0.82
C ASP D 173 -5.47 -13.45 0.25
N TRP D 174 -6.12 -14.60 0.43
CA TRP D 174 -5.58 -15.87 -0.05
C TRP D 174 -4.44 -16.36 0.83
N THR D 175 -4.45 -15.96 2.09
CA THR D 175 -3.65 -16.66 3.06
C THR D 175 -4.53 -16.99 4.24
N PHE D 176 -4.03 -17.88 5.07
CA PHE D 176 -4.69 -18.20 6.31
C PHE D 176 -3.74 -18.05 7.47
N GLN D 177 -4.34 -17.98 8.65
CA GLN D 177 -3.64 -18.22 9.91
C GLN D 177 -4.50 -19.07 10.86
N ILE D 178 -3.94 -19.37 12.02
CA ILE D 178 -4.60 -20.18 13.05
C ILE D 178 -3.67 -20.07 14.26
N LEU D 179 -4.24 -20.20 15.45
CA LEU D 179 -3.51 -20.05 16.66
C LEU D 179 -3.93 -21.23 17.48
N VAL D 180 -2.96 -22.01 17.94
CA VAL D 180 -3.22 -23.17 18.77
C VAL D 180 -2.47 -22.88 20.04
N MET D 181 -3.12 -23.00 21.20
CA MET D 181 -2.48 -22.65 22.44
C MET D 181 -2.62 -23.77 23.42
N LEU D 182 -1.67 -23.87 24.34
CA LEU D 182 -1.56 -25.03 25.19
C LEU D 182 -1.38 -24.68 26.64
N GLU D 183 -2.33 -25.08 27.47
CA GLU D 183 -2.27 -24.86 28.90
C GLU D 183 -1.10 -25.68 29.40
N MET D 184 -0.23 -25.06 30.18
CA MET D 184 1.04 -25.67 30.55
C MET D 184 1.38 -25.45 32.02
N THR D 185 2.15 -26.37 32.58
CA THR D 185 2.75 -26.19 33.91
C THR D 185 4.23 -26.59 33.83
N PRO D 186 5.09 -25.65 33.37
CA PRO D 186 6.54 -25.85 33.14
C PRO D 186 7.30 -26.33 34.38
N GLN D 187 8.51 -26.87 34.19
CA GLN D 187 9.24 -27.60 35.27
C GLN D 187 10.71 -27.20 35.44
N GLN D 188 11.33 -26.73 34.36
CA GLN D 188 12.73 -26.30 34.35
C GLN D 188 13.49 -26.94 33.19
N GLY D 189 13.77 -28.24 33.32
CA GLY D 189 14.42 -29.01 32.25
C GLY D 189 13.44 -29.50 31.18
N ASP D 190 12.67 -28.57 30.59
CA ASP D 190 11.52 -28.93 29.72
C ASP D 190 11.45 -28.23 28.38
N VAL D 191 11.43 -29.07 27.32
CA VAL D 191 11.29 -28.65 25.93
C VAL D 191 9.86 -28.89 25.43
N TYR D 192 9.16 -27.79 25.19
CA TYR D 192 7.93 -27.84 24.42
C TYR D 192 8.25 -27.65 22.93
N THR D 193 7.58 -28.42 22.07
CA THR D 193 7.70 -28.18 20.64
C THR D 193 6.35 -27.96 20.01
N CYS D 194 6.23 -26.88 19.23
CA CYS D 194 5.10 -26.70 18.33
C CYS D 194 5.44 -27.24 16.96
N GLN D 195 4.61 -28.14 16.44
CA GLN D 195 4.91 -28.76 15.16
C GLN D 195 3.80 -28.64 14.11
N VAL D 196 4.14 -28.00 12.98
CA VAL D 196 3.15 -27.87 11.94
C VAL D 196 3.52 -28.74 10.75
N GLU D 197 2.51 -29.36 10.17
CA GLU D 197 2.63 -30.21 9.00
C GLU D 197 1.73 -29.61 7.90
N HIS D 198 2.25 -29.44 6.69
CA HIS D 198 1.51 -28.77 5.62
C HIS D 198 2.04 -29.29 4.27
N THR D 199 1.17 -29.39 3.27
CA THR D 199 1.61 -29.87 1.94
C THR D 199 2.48 -28.87 1.19
N SER D 200 2.61 -27.66 1.72
CA SER D 200 3.59 -26.71 1.18
C SER D 200 5.01 -27.09 1.62
N LEU D 201 5.10 -27.84 2.70
CA LEU D 201 6.37 -28.26 3.30
C LEU D 201 6.55 -29.75 3.13
N ASP D 202 7.63 -30.12 2.47
CA ASP D 202 8.01 -31.53 2.35
C ASP D 202 8.69 -32.08 3.63
N SER D 203 8.68 -31.29 4.70
CA SER D 203 9.46 -31.52 5.92
C SER D 203 8.86 -30.70 7.07
N PRO D 204 8.23 -31.37 8.08
CA PRO D 204 7.54 -30.76 9.24
C PRO D 204 8.34 -29.67 9.95
N VAL D 205 7.78 -28.47 10.04
CA VAL D 205 8.45 -27.33 10.68
C VAL D 205 8.25 -27.34 12.21
N THR D 206 9.34 -27.44 12.96
CA THR D 206 9.27 -27.44 14.42
C THR D 206 9.85 -26.16 14.96
N VAL D 207 9.23 -25.62 16.00
CA VAL D 207 9.79 -24.52 16.76
C VAL D 207 9.55 -24.75 18.24
N GLU D 208 10.64 -24.70 18.99
CA GLU D 208 10.68 -25.16 20.37
C GLU D 208 10.70 -24.02 21.38
N TRP D 209 10.41 -24.39 22.63
CA TRP D 209 10.41 -23.46 23.74
C TRP D 209 10.77 -24.18 25.02
N LYS D 210 11.79 -23.65 25.70
CA LYS D 210 12.29 -24.20 26.97
C LYS D 210 11.88 -23.33 28.15
N ALA D 211 11.36 -23.98 29.18
CA ALA D 211 10.94 -23.32 30.42
C ALA D 211 12.15 -22.83 31.24
N GLN D 212 13.10 -22.22 30.54
CA GLN D 212 14.22 -21.54 31.19
C GLN D 212 14.04 -20.01 31.16
#